data_5FPE
#
_entry.id   5FPE
#
_cell.length_a   48.860
_cell.length_b   94.960
_cell.length_c   81.540
_cell.angle_alpha   90.00
_cell.angle_beta   89.98
_cell.angle_gamma   90.00
#
_symmetry.space_group_name_H-M   'P 1 21 1'
#
loop_
_entity.id
_entity.type
_entity.pdbx_description
1 polymer 'HEAT SHOCK-RELATED 70KDA PROTEIN 2'
2 non-polymer 3-AMINO-1,2,4-TRIAZOLE
3 water water
#
_entity_poly.entity_id   1
_entity_poly.type   'polypeptide(L)'
_entity_poly.pdbx_seq_one_letter_code
;GSHMRGPAIGIDLGTTYSCVGVFQHGKVEIIANDQGNRTTPSYVAFTDTERLIGDAAKNQVAMNPTNTIFDAKRLIGRKF
EDATVQSDMKHWPFRVVSEGGKPKVQVEYKGETKTFFPEEISSMVLTKMKEIAEAYLGGKVHSAVITVPAYFNDSQRQAT
KDAGTITGLNVLRIINEPTAAAIAYGLDKKGCAGGEKNVLIFDLGGGTFDVSILTIEDGIFEVKSTAGDTHLGGEDFDNR
MVSHLAEEFKRKHKKDIGPNKRAVRRLRTACERAKRTLSSSTQASIEIDSLYEGVDFYTSITRARFEELNADLFRGTLEP
VEKALRDAKLDKGQIQEIVLVGGSTRIPKIQKLLQDFFNGKELNKSINPDEAVAYGAAVQAAILIGD
;
_entity_poly.pdbx_strand_id   A,B
#
# COMPACT_ATOMS: atom_id res chain seq x y z
N GLY A 6 8.93 -7.28 -34.81
CA GLY A 6 7.81 -6.33 -34.80
C GLY A 6 6.80 -6.67 -33.72
N PRO A 7 5.99 -5.72 -33.17
CA PRO A 7 5.84 -4.28 -33.51
C PRO A 7 7.02 -3.35 -33.14
N ALA A 8 7.01 -2.14 -33.71
CA ALA A 8 7.99 -1.08 -33.40
C ALA A 8 7.75 -0.34 -32.06
N ILE A 9 8.37 -0.76 -30.91
CA ILE A 9 8.08 -0.15 -29.55
C ILE A 9 9.23 0.78 -28.98
N GLY A 10 8.84 1.95 -28.45
CA GLY A 10 9.80 2.82 -27.76
C GLY A 10 9.50 2.92 -26.27
N ILE A 11 10.51 2.81 -25.41
CA ILE A 11 10.29 2.94 -23.95
C ILE A 11 11.20 3.99 -23.33
N ASP A 12 10.60 5.01 -22.74
CA ASP A 12 11.25 5.96 -21.86
C ASP A 12 11.16 5.32 -20.46
N LEU A 13 12.27 4.82 -19.96
CA LEU A 13 12.38 4.24 -18.63
C LEU A 13 12.84 5.36 -17.68
N GLY A 14 11.88 6.08 -17.10
CA GLY A 14 12.19 7.28 -16.31
C GLY A 14 12.43 6.96 -14.85
N THR A 15 13.08 7.88 -14.10
CA THR A 15 13.41 7.56 -12.71
C THR A 15 12.14 7.46 -11.83
N THR A 16 11.09 8.28 -12.08
CA THR A 16 9.83 8.15 -11.33
C THR A 16 8.65 7.74 -12.20
N TYR A 17 8.69 8.06 -13.52
CA TYR A 17 7.60 7.71 -14.46
C TYR A 17 8.17 7.21 -15.76
N SER A 18 7.46 6.30 -16.40
CA SER A 18 7.80 5.70 -17.68
C SER A 18 6.69 5.91 -18.69
N CYS A 19 6.99 5.75 -19.96
CA CYS A 19 6.08 6.03 -21.06
C CYS A 19 6.49 5.05 -22.20
N VAL A 20 5.50 4.50 -22.88
CA VAL A 20 5.71 3.57 -23.98
C VAL A 20 4.92 4.07 -25.19
N GLY A 21 5.58 4.02 -26.36
CA GLY A 21 4.96 4.36 -27.64
C GLY A 21 5.13 3.28 -28.69
N VAL A 22 4.23 3.27 -29.68
CA VAL A 22 4.33 2.44 -30.89
C VAL A 22 4.29 3.29 -32.16
N PHE A 23 5.13 2.93 -33.14
CA PHE A 23 5.08 3.45 -34.49
C PHE A 23 4.30 2.49 -35.37
N GLN A 24 3.10 2.95 -35.80
CA GLN A 24 2.15 2.25 -36.67
C GLN A 24 1.61 3.21 -37.74
N HIS A 25 1.46 2.73 -38.99
CA HIS A 25 0.87 3.52 -40.10
C HIS A 25 1.55 4.88 -40.25
N GLY A 26 2.88 4.89 -40.18
CA GLY A 26 3.68 6.10 -40.34
C GLY A 26 3.65 7.11 -39.20
N LYS A 27 2.99 6.79 -38.05
CA LYS A 27 2.86 7.73 -36.92
C LYS A 27 2.97 7.06 -35.55
N VAL A 28 3.47 7.82 -34.57
CA VAL A 28 3.59 7.36 -33.18
C VAL A 28 2.27 7.51 -32.45
N GLU A 29 1.87 6.47 -31.78
CA GLU A 29 0.77 6.43 -30.81
C GLU A 29 1.39 6.20 -29.44
N ILE A 30 1.17 7.15 -28.51
CA ILE A 30 1.59 6.96 -27.13
C ILE A 30 0.48 6.15 -26.42
N ILE A 31 0.87 5.14 -25.63
CA ILE A 31 -0.09 4.13 -25.16
C ILE A 31 -0.51 4.36 -23.71
N ALA A 32 -1.83 4.53 -23.47
CA ALA A 32 -2.31 4.63 -22.10
C ALA A 32 -2.34 3.25 -21.42
N ASN A 33 -2.14 3.24 -20.11
CA ASN A 33 -2.15 2.01 -19.31
C ASN A 33 -3.59 1.67 -18.87
N ASP A 34 -3.76 0.70 -17.96
CA ASP A 34 -5.11 0.17 -17.69
C ASP A 34 -5.98 1.16 -16.90
N GLN A 35 -5.35 2.13 -16.23
CA GLN A 35 -6.00 3.26 -15.56
C GLN A 35 -6.15 4.48 -16.48
N GLY A 36 -5.80 4.32 -17.76
CA GLY A 36 -5.92 5.39 -18.75
C GLY A 36 -4.81 6.41 -18.74
N ASN A 37 -3.72 6.15 -17.98
CA ASN A 37 -2.61 7.08 -17.85
C ASN A 37 -1.58 6.82 -18.92
N ARG A 38 -1.17 7.90 -19.62
CA ARG A 38 -0.23 7.86 -20.74
C ARG A 38 1.24 7.79 -20.29
N THR A 39 1.47 7.93 -18.96
CA THR A 39 2.76 7.65 -18.29
C THR A 39 2.43 6.79 -17.09
N THR A 40 3.39 5.98 -16.63
CA THR A 40 3.17 4.94 -15.63
C THR A 40 4.27 5.08 -14.58
N PRO A 41 3.94 5.16 -13.26
CA PRO A 41 5.02 5.25 -12.26
C PRO A 41 6.07 4.15 -12.40
N SER A 42 7.37 4.49 -12.28
CA SER A 42 8.45 3.49 -12.26
C SER A 42 8.54 2.99 -10.79
N TYR A 43 7.42 2.44 -10.28
CA TYR A 43 7.26 2.07 -8.89
C TYR A 43 7.04 0.58 -8.79
N VAL A 44 7.70 -0.07 -7.82
CA VAL A 44 7.43 -1.50 -7.55
C VAL A 44 7.21 -1.67 -6.06
N ALA A 45 6.06 -2.22 -5.69
CA ALA A 45 5.69 -2.42 -4.27
C ALA A 45 5.60 -3.92 -3.95
N PHE A 46 6.08 -4.30 -2.77
CA PHE A 46 6.08 -5.67 -2.27
C PHE A 46 5.20 -5.68 -1.05
N THR A 47 4.18 -6.54 -1.02
CA THR A 47 3.26 -6.57 0.11
C THR A 47 3.30 -7.96 0.79
N ASP A 48 2.40 -8.19 1.78
CA ASP A 48 2.19 -9.50 2.38
C ASP A 48 1.86 -10.62 1.35
N THR A 49 1.29 -10.28 0.19
CA THR A 49 0.82 -11.31 -0.76
C THR A 49 1.29 -11.12 -2.20
N GLU A 50 1.66 -9.89 -2.60
CA GLU A 50 1.90 -9.64 -4.00
C GLU A 50 2.92 -8.55 -4.31
N ARG A 51 3.26 -8.50 -5.59
CA ARG A 51 4.15 -7.53 -6.18
C ARG A 51 3.27 -6.61 -7.05
N LEU A 52 3.30 -5.30 -6.76
CA LEU A 52 2.50 -4.29 -7.45
C LEU A 52 3.44 -3.45 -8.29
N ILE A 53 3.03 -3.13 -9.53
CA ILE A 53 3.91 -2.34 -10.41
C ILE A 53 3.11 -1.22 -11.02
N GLY A 54 3.73 -0.04 -11.06
CA GLY A 54 3.16 1.12 -11.75
C GLY A 54 2.14 1.82 -10.90
N ASP A 55 0.98 2.17 -11.49
CA ASP A 55 -0.07 2.88 -10.71
C ASP A 55 -0.48 2.21 -9.40
N ALA A 56 -0.67 0.87 -9.42
CA ALA A 56 -1.08 0.13 -8.21
C ALA A 56 -0.03 0.27 -7.12
N ALA A 57 1.26 0.26 -7.51
CA ALA A 57 2.39 0.46 -6.61
C ALA A 57 2.40 1.90 -6.09
N LYS A 58 2.31 2.90 -7.00
CA LYS A 58 2.27 4.30 -6.52
C LYS A 58 1.04 4.60 -5.66
N ASN A 59 -0.12 3.98 -5.91
CA ASN A 59 -1.35 4.32 -5.17
C ASN A 59 -1.31 3.90 -3.67
N GLN A 60 -0.48 2.90 -3.31
CA GLN A 60 -0.31 2.44 -1.90
C GLN A 60 1.04 2.88 -1.26
N VAL A 61 1.79 3.79 -1.91
CA VAL A 61 3.12 4.20 -1.47
C VAL A 61 3.08 4.74 -0.02
N ALA A 62 2.03 5.55 0.34
CA ALA A 62 2.00 6.23 1.66
C ALA A 62 1.75 5.23 2.76
N MET A 63 1.03 4.14 2.37
CA MET A 63 0.67 3.02 3.25
C MET A 63 1.82 2.02 3.43
N ASN A 64 2.73 1.93 2.46
CA ASN A 64 3.76 0.90 2.52
C ASN A 64 5.12 1.49 2.07
N PRO A 65 5.59 2.61 2.67
CA PRO A 65 6.77 3.32 2.09
C PRO A 65 8.08 2.53 2.13
N THR A 66 8.29 1.68 3.16
CA THR A 66 9.56 0.92 3.28
C THR A 66 9.69 -0.22 2.26
N ASN A 67 8.58 -0.69 1.65
CA ASN A 67 8.58 -1.82 0.70
C ASN A 67 8.18 -1.40 -0.71
N THR A 68 8.18 -0.09 -0.96
CA THR A 68 7.80 0.48 -2.25
C THR A 68 9.02 1.20 -2.86
N ILE A 69 9.54 0.61 -3.93
CA ILE A 69 10.75 1.05 -4.64
C ILE A 69 10.40 2.06 -5.73
N PHE A 70 11.14 3.15 -5.76
CA PHE A 70 11.17 4.08 -6.90
C PHE A 70 12.63 4.47 -6.99
N ASP A 71 12.99 5.26 -8.01
CA ASP A 71 14.39 5.73 -8.20
C ASP A 71 15.42 4.60 -8.34
N ALA A 72 15.01 3.37 -8.73
CA ALA A 72 16.00 2.34 -9.09
C ALA A 72 16.93 2.80 -10.18
N LYS A 73 16.47 3.72 -11.06
CA LYS A 73 17.36 4.30 -12.11
C LYS A 73 18.55 5.09 -11.53
N ARG A 74 18.43 5.62 -10.30
CA ARG A 74 19.55 6.30 -9.62
C ARG A 74 20.62 5.32 -9.15
N LEU A 75 20.28 4.00 -9.03
CA LEU A 75 21.22 2.95 -8.58
C LEU A 75 21.76 2.09 -9.70
N ILE A 76 21.01 1.94 -10.77
CA ILE A 76 21.31 0.96 -11.86
C ILE A 76 22.73 1.17 -12.45
N GLY A 77 23.51 0.10 -12.57
CA GLY A 77 24.84 0.24 -13.13
C GLY A 77 25.91 0.86 -12.23
N ARG A 78 25.56 1.18 -10.99
CA ARG A 78 26.53 1.84 -10.10
C ARG A 78 27.06 0.84 -9.04
N LYS A 79 28.07 1.26 -8.27
CA LYS A 79 28.60 0.49 -7.12
C LYS A 79 27.94 1.07 -5.87
N PHE A 80 27.71 0.22 -4.87
CA PHE A 80 27.13 0.61 -3.58
C PHE A 80 27.97 1.75 -2.92
N GLU A 81 29.30 1.67 -3.09
CA GLU A 81 30.27 2.65 -2.55
C GLU A 81 30.25 4.02 -3.24
N ASP A 82 29.61 4.15 -4.43
CA ASP A 82 29.58 5.40 -5.19
C ASP A 82 28.95 6.49 -4.36
N ALA A 83 29.56 7.70 -4.42
CA ALA A 83 29.13 8.87 -3.66
C ALA A 83 27.65 9.22 -3.90
N THR A 84 27.14 9.21 -5.17
CA THR A 84 25.71 9.51 -5.46
C THR A 84 24.79 8.49 -4.73
N VAL A 85 25.19 7.20 -4.69
CA VAL A 85 24.41 6.14 -4.02
C VAL A 85 24.37 6.42 -2.51
N GLN A 86 25.56 6.67 -1.91
CA GLN A 86 25.63 6.92 -0.48
C GLN A 86 24.83 8.17 -0.12
N SER A 87 24.87 9.19 -0.98
CA SER A 87 24.09 10.42 -0.78
C SER A 87 22.56 10.19 -0.92
N ASP A 88 22.11 9.57 -2.04
CA ASP A 88 20.70 9.30 -2.31
C ASP A 88 20.03 8.48 -1.22
N MET A 89 20.75 7.48 -0.69
CA MET A 89 20.29 6.58 0.37
C MET A 89 19.71 7.30 1.59
N LYS A 90 20.24 8.50 1.89
CA LYS A 90 19.80 9.35 3.00
C LYS A 90 18.34 9.87 2.83
N HIS A 91 17.80 9.88 1.60
CA HIS A 91 16.47 10.46 1.39
C HIS A 91 15.42 9.41 0.96
N TRP A 92 15.80 8.09 0.97
CA TRP A 92 14.83 7.08 0.53
C TRP A 92 14.26 6.40 1.76
N PRO A 93 12.95 6.04 1.79
CA PRO A 93 12.41 5.30 2.94
C PRO A 93 12.66 3.78 2.89
N PHE A 94 13.06 3.26 1.72
CA PHE A 94 13.45 1.85 1.61
C PHE A 94 14.95 1.70 1.89
N ARG A 95 15.33 0.51 2.36
CA ARG A 95 16.69 0.10 2.66
C ARG A 95 17.44 -0.27 1.37
N VAL A 96 18.71 0.11 1.32
CA VAL A 96 19.63 -0.22 0.23
C VAL A 96 20.84 -0.89 0.89
N VAL A 97 21.22 -2.06 0.37
CA VAL A 97 22.28 -2.90 0.93
C VAL A 97 23.30 -3.23 -0.15
N SER A 98 24.41 -3.87 0.23
CA SER A 98 25.52 -4.23 -0.64
C SER A 98 25.62 -5.74 -0.84
N GLU A 99 25.70 -6.19 -2.12
CA GLU A 99 26.02 -7.59 -2.45
C GLU A 99 27.08 -7.62 -3.55
N GLY A 100 28.23 -8.22 -3.26
CA GLY A 100 29.40 -8.23 -4.14
C GLY A 100 29.78 -6.86 -4.67
N GLY A 101 29.70 -5.85 -3.79
CA GLY A 101 29.95 -4.44 -4.08
C GLY A 101 28.87 -3.72 -4.88
N LYS A 102 27.74 -4.40 -5.15
CA LYS A 102 26.63 -3.82 -5.94
C LYS A 102 25.45 -3.40 -5.06
N PRO A 103 24.73 -2.32 -5.37
CA PRO A 103 23.58 -1.97 -4.52
C PRO A 103 22.38 -2.81 -4.87
N LYS A 104 21.57 -3.09 -3.85
CA LYS A 104 20.31 -3.81 -3.98
C LYS A 104 19.34 -3.15 -3.02
N VAL A 105 18.08 -3.12 -3.42
CA VAL A 105 17.04 -2.69 -2.50
C VAL A 105 16.67 -3.89 -1.67
N GLN A 106 16.42 -3.66 -0.36
CA GLN A 106 16.01 -4.71 0.54
C GLN A 106 14.61 -4.38 1.02
N VAL A 107 13.71 -5.37 0.91
CA VAL A 107 12.30 -5.20 1.20
C VAL A 107 11.78 -6.41 1.93
N GLU A 108 10.59 -6.23 2.54
CA GLU A 108 9.75 -7.31 3.08
C GLU A 108 8.73 -7.69 2.00
N TYR A 109 8.69 -8.98 1.64
CA TYR A 109 7.76 -9.54 0.64
C TYR A 109 7.29 -10.88 1.15
N LYS A 110 5.94 -11.09 1.28
CA LYS A 110 5.38 -12.37 1.74
C LYS A 110 5.95 -12.79 3.11
N GLY A 111 6.11 -11.83 4.01
CA GLY A 111 6.66 -12.04 5.35
C GLY A 111 8.16 -12.35 5.43
N GLU A 112 8.88 -12.25 4.34
CA GLU A 112 10.32 -12.51 4.38
C GLU A 112 11.13 -11.36 3.76
N THR A 113 12.42 -11.26 4.15
CA THR A 113 13.36 -10.29 3.63
C THR A 113 13.89 -10.76 2.27
N LYS A 114 13.78 -9.88 1.26
CA LYS A 114 14.30 -10.14 -0.09
C LYS A 114 15.16 -8.98 -0.56
N THR A 115 16.15 -9.28 -1.41
CA THR A 115 16.95 -8.23 -2.03
C THR A 115 16.86 -8.33 -3.55
N PHE A 116 16.84 -7.16 -4.23
CA PHE A 116 16.74 -7.06 -5.70
C PHE A 116 17.78 -6.09 -6.25
N PHE A 117 18.57 -6.53 -7.25
CA PHE A 117 19.42 -5.62 -8.02
C PHE A 117 18.55 -4.57 -8.73
N PRO A 118 19.09 -3.35 -8.97
CA PRO A 118 18.27 -2.32 -9.64
C PRO A 118 17.69 -2.73 -11.00
N GLU A 119 18.44 -3.50 -11.78
CA GLU A 119 17.95 -4.02 -13.09
C GLU A 119 16.82 -4.99 -12.90
N GLU A 120 16.75 -5.68 -11.73
CA GLU A 120 15.58 -6.53 -11.43
C GLU A 120 14.37 -5.69 -11.19
N ILE A 121 14.50 -4.57 -10.46
CA ILE A 121 13.33 -3.65 -10.28
C ILE A 121 12.95 -3.02 -11.64
N SER A 122 13.94 -2.52 -12.38
CA SER A 122 13.64 -1.92 -13.69
C SER A 122 13.03 -2.94 -14.67
N SER A 123 13.45 -4.22 -14.59
CA SER A 123 12.82 -5.24 -15.41
C SER A 123 11.33 -5.38 -15.10
N MET A 124 10.93 -5.29 -13.82
CA MET A 124 9.51 -5.36 -13.42
C MET A 124 8.75 -4.17 -13.99
N VAL A 125 9.34 -2.98 -13.89
CA VAL A 125 8.78 -1.80 -14.57
C VAL A 125 8.64 -2.03 -16.09
N LEU A 126 9.72 -2.49 -16.76
CA LEU A 126 9.70 -2.79 -18.20
C LEU A 126 8.67 -3.85 -18.59
N THR A 127 8.48 -4.91 -17.75
CA THR A 127 7.43 -5.94 -17.99
C THR A 127 6.07 -5.24 -17.97
N LYS A 128 5.84 -4.37 -17.00
CA LYS A 128 4.59 -3.58 -17.01
C LYS A 128 4.44 -2.74 -18.29
N MET A 129 5.53 -2.05 -18.74
CA MET A 129 5.42 -1.23 -19.98
C MET A 129 5.11 -2.13 -21.20
N LYS A 130 5.75 -3.31 -21.25
CA LYS A 130 5.55 -4.36 -22.28
C LYS A 130 4.08 -4.82 -22.29
N GLU A 131 3.49 -5.06 -21.10
CA GLU A 131 2.09 -5.56 -20.99
C GLU A 131 1.13 -4.44 -21.40
N ILE A 132 1.49 -3.18 -21.08
CA ILE A 132 0.71 -2.00 -21.47
C ILE A 132 0.63 -1.96 -23.02
N ALA A 133 1.78 -2.06 -23.71
CA ALA A 133 1.81 -2.12 -25.19
C ALA A 133 1.08 -3.37 -25.77
N GLU A 134 1.21 -4.55 -25.16
CA GLU A 134 0.49 -5.76 -25.62
C GLU A 134 -1.02 -5.68 -25.45
N ALA A 135 -1.50 -5.01 -24.37
CA ALA A 135 -2.96 -4.75 -24.24
C ALA A 135 -3.50 -3.84 -25.38
N TYR A 136 -2.70 -2.83 -25.75
CA TYR A 136 -3.06 -1.90 -26.81
C TYR A 136 -2.96 -2.60 -28.18
N LEU A 137 -1.90 -3.37 -28.40
CA LEU A 137 -1.68 -3.95 -29.74
C LEU A 137 -2.37 -5.24 -30.01
N GLY A 138 -2.46 -6.11 -29.00
CA GLY A 138 -2.75 -7.52 -29.18
C GLY A 138 -1.47 -8.29 -29.38
N GLY A 139 -1.46 -9.58 -29.05
CA GLY A 139 -0.30 -10.42 -29.24
C GLY A 139 0.87 -10.07 -28.33
N LYS A 140 2.09 -10.27 -28.83
CA LYS A 140 3.29 -10.10 -28.01
C LYS A 140 4.17 -9.01 -28.57
N VAL A 141 4.83 -8.27 -27.70
CA VAL A 141 5.88 -7.36 -28.08
C VAL A 141 7.23 -8.12 -27.97
N HIS A 142 8.07 -8.05 -29.02
CA HIS A 142 9.40 -8.69 -29.05
C HIS A 142 10.55 -7.73 -28.77
N SER A 143 10.53 -6.53 -29.37
CA SER A 143 11.68 -5.63 -29.44
C SER A 143 11.38 -4.23 -28.89
N ALA A 144 12.40 -3.52 -28.42
CA ALA A 144 12.20 -2.15 -27.97
C ALA A 144 13.47 -1.33 -28.12
N VAL A 145 13.31 -0.03 -28.34
CA VAL A 145 14.38 0.92 -28.07
C VAL A 145 14.08 1.48 -26.68
N ILE A 146 15.12 1.52 -25.82
CA ILE A 146 14.99 2.02 -24.46
C ILE A 146 15.98 3.19 -24.33
N THR A 147 15.56 4.23 -23.65
CA THR A 147 16.36 5.47 -23.54
C THR A 147 17.05 5.57 -22.19
N VAL A 148 18.20 6.29 -22.16
CA VAL A 148 18.92 6.59 -20.91
C VAL A 148 19.41 8.04 -20.97
N PRO A 149 19.71 8.69 -19.83
CA PRO A 149 20.34 10.02 -19.86
C PRO A 149 21.67 9.99 -20.60
N ALA A 150 22.02 11.11 -21.23
CA ALA A 150 23.21 11.19 -22.10
C ALA A 150 24.48 10.98 -21.27
N TYR A 151 24.43 11.29 -19.99
CA TYR A 151 25.62 11.18 -19.14
C TYR A 151 25.77 9.78 -18.52
N PHE A 152 24.83 8.85 -18.79
CA PHE A 152 24.99 7.45 -18.32
C PHE A 152 26.20 6.81 -18.98
N ASN A 153 26.95 6.04 -18.20
CA ASN A 153 28.19 5.46 -18.66
C ASN A 153 27.82 4.05 -19.15
N ASP A 154 28.81 3.28 -19.61
CA ASP A 154 28.53 1.98 -20.21
C ASP A 154 27.99 0.99 -19.23
N SER A 155 28.44 1.03 -17.96
CA SER A 155 27.85 0.17 -16.92
C SER A 155 26.35 0.48 -16.72
N GLN A 156 25.98 1.75 -16.71
CA GLN A 156 24.56 2.09 -16.55
C GLN A 156 23.75 1.63 -17.78
N ARG A 157 24.34 1.73 -19.00
CA ARG A 157 23.68 1.36 -20.26
C ARG A 157 23.47 -0.16 -20.31
N GLN A 158 24.52 -0.91 -19.99
CA GLN A 158 24.46 -2.37 -19.97
C GLN A 158 23.50 -2.86 -18.93
N ALA A 159 23.53 -2.26 -17.73
CA ALA A 159 22.60 -2.72 -16.68
C ALA A 159 21.12 -2.41 -17.07
N THR A 160 20.87 -1.26 -17.70
CA THR A 160 19.56 -0.94 -18.34
C THR A 160 19.15 -2.01 -19.38
N LYS A 161 20.07 -2.39 -20.25
CA LYS A 161 19.85 -3.44 -21.23
C LYS A 161 19.51 -4.77 -20.58
N ASP A 162 20.27 -5.12 -19.51
CA ASP A 162 20.03 -6.35 -18.74
C ASP A 162 18.62 -6.35 -18.19
N ALA A 163 18.10 -5.19 -17.74
CA ALA A 163 16.69 -5.11 -17.29
C ALA A 163 15.77 -5.53 -18.47
N GLY A 164 16.04 -4.99 -19.68
CA GLY A 164 15.32 -5.40 -20.89
C GLY A 164 15.40 -6.90 -21.18
N THR A 165 16.61 -7.45 -21.18
CA THR A 165 16.86 -8.90 -21.26
C THR A 165 16.06 -9.72 -20.27
N ILE A 166 16.16 -9.39 -18.95
CA ILE A 166 15.38 -10.12 -17.92
C ILE A 166 13.87 -10.11 -18.27
N THR A 167 13.37 -8.97 -18.73
CA THR A 167 12.01 -8.73 -19.19
C THR A 167 11.61 -9.65 -20.37
N GLY A 168 12.60 -10.01 -21.19
CA GLY A 168 12.40 -10.80 -22.39
C GLY A 168 12.11 -9.91 -23.57
N LEU A 169 12.77 -8.74 -23.62
CA LEU A 169 12.75 -7.85 -24.78
C LEU A 169 14.06 -7.94 -25.53
N ASN A 170 14.02 -7.99 -26.86
CA ASN A 170 15.22 -7.73 -27.67
C ASN A 170 15.49 -6.19 -27.63
N VAL A 171 16.56 -5.77 -26.97
CA VAL A 171 16.84 -4.33 -26.87
C VAL A 171 17.55 -3.92 -28.15
N LEU A 172 16.81 -3.29 -29.07
CA LEU A 172 17.37 -2.98 -30.40
C LEU A 172 18.55 -2.03 -30.26
N ARG A 173 18.41 -1.06 -29.36
CA ARG A 173 19.39 -0.02 -29.12
C ARG A 173 19.06 0.71 -27.83
N ILE A 174 20.10 1.07 -27.09
CA ILE A 174 20.00 2.02 -25.99
C ILE A 174 20.40 3.38 -26.60
N ILE A 175 19.46 4.35 -26.59
CA ILE A 175 19.76 5.71 -27.09
C ILE A 175 19.54 6.73 -26.00
N ASN A 176 20.19 7.88 -26.15
CA ASN A 176 20.13 8.99 -25.24
C ASN A 176 18.80 9.62 -25.29
N GLU A 177 18.25 9.91 -24.10
CA GLU A 177 16.98 10.62 -23.98
C GLU A 177 16.95 11.92 -24.78
N PRO A 178 17.96 12.85 -24.69
CA PRO A 178 17.85 14.07 -25.54
C PRO A 178 17.79 13.77 -27.04
N THR A 179 18.53 12.72 -27.50
CA THR A 179 18.52 12.27 -28.90
C THR A 179 17.09 11.81 -29.32
N ALA A 180 16.45 10.95 -28.50
CA ALA A 180 15.07 10.53 -28.71
C ALA A 180 14.14 11.74 -28.90
N ALA A 181 14.23 12.72 -27.99
CA ALA A 181 13.44 13.97 -28.07
C ALA A 181 13.68 14.72 -29.40
N ALA A 182 14.94 14.86 -29.83
CA ALA A 182 15.26 15.46 -31.15
C ALA A 182 14.66 14.67 -32.33
N ILE A 183 14.71 13.32 -32.24
CA ILE A 183 14.17 12.41 -33.26
C ILE A 183 12.62 12.57 -33.40
N ALA A 184 11.92 12.68 -32.24
CA ALA A 184 10.47 12.94 -32.17
C ALA A 184 10.08 14.17 -32.98
N TYR A 185 10.90 15.23 -32.92
CA TYR A 185 10.68 16.47 -33.71
C TYR A 185 11.24 16.38 -35.13
N GLY A 186 11.76 15.21 -35.50
CA GLY A 186 12.31 15.03 -36.84
C GLY A 186 13.46 15.98 -37.14
N LEU A 187 14.27 16.32 -36.10
CA LEU A 187 15.34 17.32 -36.26
C LEU A 187 16.51 16.77 -37.05
N ASP A 188 16.59 15.45 -37.14
CA ASP A 188 17.60 14.79 -37.99
C ASP A 188 17.20 14.72 -39.48
N LYS A 189 15.96 15.13 -39.82
CA LYS A 189 15.50 15.16 -41.21
C LYS A 189 15.16 16.60 -41.62
N LYS A 190 14.97 17.50 -40.64
CA LYS A 190 14.64 18.90 -40.88
C LYS A 190 15.87 19.58 -41.51
N GLY A 191 15.63 20.36 -42.57
CA GLY A 191 16.66 21.11 -43.28
C GLY A 191 17.44 22.07 -42.41
C GLY A 195 23.79 20.98 -41.02
N GLU A 196 24.84 21.22 -40.22
CA GLU A 196 24.79 20.95 -38.78
C GLU A 196 23.72 21.79 -38.09
N LYS A 197 23.09 21.22 -37.06
CA LYS A 197 22.22 21.94 -36.15
C LYS A 197 22.69 21.74 -34.74
N ASN A 198 22.79 22.84 -34.00
CA ASN A 198 22.98 22.85 -32.57
C ASN A 198 21.59 22.84 -31.92
N VAL A 199 21.36 21.85 -31.08
CA VAL A 199 20.07 21.60 -30.48
C VAL A 199 20.22 21.62 -28.99
N LEU A 200 19.42 22.43 -28.32
CA LEU A 200 19.38 22.40 -26.88
C LEU A 200 18.11 21.64 -26.43
N ILE A 201 18.30 20.58 -25.62
CA ILE A 201 17.15 19.87 -25.01
C ILE A 201 17.05 20.35 -23.53
N PHE A 202 15.88 20.81 -23.16
CA PHE A 202 15.62 21.33 -21.81
C PHE A 202 14.59 20.37 -21.18
N ASP A 203 15.07 19.52 -20.29
CA ASP A 203 14.27 18.39 -19.83
C ASP A 203 14.02 18.51 -18.35
N LEU A 204 12.82 18.97 -17.99
CA LEU A 204 12.54 19.23 -16.58
C LEU A 204 11.40 18.33 -16.14
N GLY A 205 11.75 17.32 -15.38
CA GLY A 205 10.82 16.29 -14.93
C GLY A 205 10.34 16.57 -13.52
N GLY A 206 9.80 15.53 -12.90
CA GLY A 206 9.33 15.60 -11.53
C GLY A 206 10.46 15.63 -10.50
N GLY A 207 11.60 15.03 -10.82
CA GLY A 207 12.71 15.04 -9.86
C GLY A 207 14.10 15.20 -10.45
N THR A 208 14.18 15.42 -11.78
CA THR A 208 15.47 15.67 -12.44
C THR A 208 15.35 16.82 -13.42
N PHE A 209 16.48 17.52 -13.63
CA PHE A 209 16.64 18.57 -14.61
C PHE A 209 17.88 18.33 -15.47
N ASP A 210 17.68 18.01 -16.76
CA ASP A 210 18.75 17.71 -17.69
C ASP A 210 18.77 18.68 -18.83
N VAL A 211 19.88 19.40 -19.00
CA VAL A 211 20.08 20.22 -20.20
C VAL A 211 21.14 19.56 -21.04
N SER A 212 20.82 19.30 -22.31
CA SER A 212 21.82 18.73 -23.22
C SER A 212 21.96 19.55 -24.46
N ILE A 213 23.20 19.72 -24.91
CA ILE A 213 23.43 20.32 -26.21
C ILE A 213 23.87 19.25 -27.19
N LEU A 214 23.09 19.05 -28.27
CA LEU A 214 23.45 18.11 -29.35
C LEU A 214 23.85 18.86 -30.59
N THR A 215 24.71 18.25 -31.42
CA THR A 215 24.82 18.64 -32.83
C THR A 215 24.19 17.52 -33.69
N ILE A 216 23.57 17.91 -34.81
CA ILE A 216 22.92 16.93 -35.68
C ILE A 216 23.29 17.27 -37.10
N GLU A 217 23.86 16.30 -37.80
CA GLU A 217 24.25 16.46 -39.18
C GLU A 217 24.19 15.14 -39.88
N ASP A 218 23.53 15.12 -41.06
CA ASP A 218 23.38 13.91 -41.90
C ASP A 218 22.88 12.71 -41.08
N GLY A 219 21.91 12.98 -40.19
CA GLY A 219 21.34 11.97 -39.29
C GLY A 219 22.23 11.47 -38.18
N ILE A 220 23.44 12.08 -37.99
CA ILE A 220 24.39 11.71 -36.92
C ILE A 220 24.29 12.69 -35.77
N PHE A 221 24.04 12.17 -34.57
CA PHE A 221 23.93 12.95 -33.33
C PHE A 221 25.23 12.90 -32.54
N GLU A 222 25.71 14.04 -32.09
CA GLU A 222 26.81 14.09 -31.11
C GLU A 222 26.40 14.93 -29.87
N VAL A 223 26.58 14.38 -28.66
CA VAL A 223 26.40 15.15 -27.42
C VAL A 223 27.61 16.07 -27.29
N LYS A 224 27.34 17.39 -27.25
CA LYS A 224 28.41 18.40 -27.07
C LYS A 224 28.60 18.82 -25.61
N SER A 225 27.53 18.83 -24.80
CA SER A 225 27.68 19.20 -23.37
C SER A 225 26.43 18.76 -22.65
N THR A 226 26.54 18.57 -21.33
CA THR A 226 25.39 18.29 -20.48
C THR A 226 25.50 19.12 -19.24
N ALA A 227 24.36 19.49 -18.66
CA ALA A 227 24.38 20.22 -17.38
C ALA A 227 23.02 20.02 -16.76
N GLY A 228 22.86 20.43 -15.50
CA GLY A 228 21.57 20.37 -14.84
C GLY A 228 21.70 20.14 -13.37
N ASP A 229 20.65 19.56 -12.79
CA ASP A 229 20.54 19.29 -11.36
C ASP A 229 19.74 17.98 -11.24
N THR A 230 20.38 16.92 -10.79
CA THR A 230 19.74 15.60 -10.64
C THR A 230 18.73 15.52 -9.47
N HIS A 231 18.59 16.58 -8.68
CA HIS A 231 17.64 16.61 -7.56
C HIS A 231 16.73 17.84 -7.59
N LEU A 232 16.44 18.35 -8.79
CA LEU A 232 15.49 19.45 -8.98
C LEU A 232 14.41 18.97 -9.92
N GLY A 233 13.16 19.12 -9.52
CA GLY A 233 12.06 18.93 -10.46
C GLY A 233 10.73 19.45 -9.96
N GLY A 234 9.68 19.08 -10.67
CA GLY A 234 8.30 19.43 -10.33
C GLY A 234 7.92 19.26 -8.87
N GLU A 235 8.39 18.19 -8.22
CA GLU A 235 8.19 17.98 -6.76
C GLU A 235 8.66 19.20 -5.89
N ASP A 236 9.73 19.87 -6.31
CA ASP A 236 10.24 21.07 -5.58
C ASP A 236 9.27 22.23 -5.62
N PHE A 237 8.59 22.39 -6.79
CA PHE A 237 7.54 23.37 -6.99
C PHE A 237 6.36 23.06 -6.10
N ASP A 238 5.96 21.75 -5.99
CA ASP A 238 4.84 21.34 -5.14
C ASP A 238 5.14 21.67 -3.66
N ASN A 239 6.39 21.39 -3.18
CA ASN A 239 6.89 21.71 -1.82
C ASN A 239 6.64 23.17 -1.46
N ARG A 240 6.90 24.08 -2.43
CA ARG A 240 6.69 25.50 -2.22
C ARG A 240 5.21 25.80 -2.07
N MET A 241 4.34 25.13 -2.85
CA MET A 241 2.88 25.33 -2.67
C MET A 241 2.34 24.76 -1.35
N VAL A 242 2.84 23.60 -0.93
CA VAL A 242 2.49 22.96 0.37
C VAL A 242 2.74 23.90 1.56
N SER A 243 3.97 24.46 1.65
CA SER A 243 4.32 25.38 2.71
C SER A 243 3.41 26.60 2.70
N HIS A 244 3.11 27.16 1.49
CA HIS A 244 2.27 28.34 1.40
C HIS A 244 0.84 28.04 1.96
N LEU A 245 0.23 26.97 1.47
CA LEU A 245 -1.13 26.59 1.86
C LEU A 245 -1.23 26.02 3.25
N ALA A 246 -0.18 25.33 3.76
CA ALA A 246 -0.17 24.89 5.18
C ALA A 246 -0.21 26.13 6.11
N GLU A 247 0.58 27.18 5.79
CA GLU A 247 0.54 28.48 6.50
C GLU A 247 -0.85 29.11 6.40
N GLU A 248 -1.47 29.04 5.23
CA GLU A 248 -2.82 29.62 5.07
C GLU A 248 -3.80 28.87 5.99
N PHE A 249 -3.72 27.52 6.01
CA PHE A 249 -4.61 26.71 6.88
C PHE A 249 -4.46 27.13 8.33
N LYS A 250 -3.20 27.26 8.80
CA LYS A 250 -2.87 27.73 10.14
C LYS A 250 -3.50 29.13 10.38
N ARG A 251 -3.28 30.07 9.45
CA ARG A 251 -3.84 31.43 9.55
C ARG A 251 -5.37 31.44 9.66
N LYS A 252 -6.09 30.62 8.86
CA LYS A 252 -7.57 30.62 8.83
C LYS A 252 -8.23 29.73 9.90
N HIS A 253 -7.57 28.64 10.27
CA HIS A 253 -8.20 27.63 11.13
C HIS A 253 -7.46 27.39 12.47
N LYS A 254 -6.33 28.09 12.73
CA LYS A 254 -5.57 28.03 14.00
C LYS A 254 -5.14 26.58 14.35
N LYS A 255 -4.91 25.77 13.29
CA LYS A 255 -4.44 24.38 13.34
C LYS A 255 -3.17 24.25 12.51
N ASP A 256 -2.08 23.74 13.12
CA ASP A 256 -0.81 23.50 12.44
C ASP A 256 -0.75 22.02 11.99
N ILE A 257 -0.76 21.77 10.66
CA ILE A 257 -0.75 20.40 10.08
C ILE A 257 0.67 19.81 9.96
N GLY A 258 1.69 20.65 10.13
CA GLY A 258 3.09 20.31 9.94
C GLY A 258 3.53 18.98 10.56
N PRO A 259 3.26 18.75 11.87
CA PRO A 259 3.64 17.47 12.49
C PRO A 259 2.79 16.26 12.09
N ASN A 260 1.77 16.45 11.24
CA ASN A 260 0.88 15.35 10.91
C ASN A 260 1.14 14.91 9.48
N LYS A 261 1.82 13.77 9.31
CA LYS A 261 2.29 13.42 7.96
C LYS A 261 1.15 13.08 7.00
N ARG A 262 0.02 12.51 7.47
CA ARG A 262 -1.13 12.30 6.54
C ARG A 262 -1.69 13.65 6.04
N ALA A 263 -1.84 14.64 6.93
CA ALA A 263 -2.40 15.94 6.48
C ALA A 263 -1.47 16.65 5.46
N VAL A 264 -0.16 16.62 5.74
CA VAL A 264 0.84 17.17 4.80
C VAL A 264 0.80 16.45 3.44
N ARG A 265 0.78 15.11 3.43
CA ARG A 265 0.71 14.28 2.24
C ARG A 265 -0.55 14.62 1.41
N ARG A 266 -1.69 14.74 2.08
CA ARG A 266 -2.94 15.09 1.41
C ARG A 266 -2.94 16.46 0.79
N LEU A 267 -2.39 17.45 1.51
CA LEU A 267 -2.16 18.77 0.95
C LEU A 267 -1.22 18.70 -0.25
N ARG A 268 -0.16 17.89 -0.19
CA ARG A 268 0.76 17.78 -1.35
C ARG A 268 0.03 17.21 -2.56
N THR A 269 -0.85 16.21 -2.37
CA THR A 269 -1.62 15.62 -3.47
C THR A 269 -2.45 16.70 -4.16
N ALA A 270 -3.13 17.56 -3.37
CA ALA A 270 -3.99 18.63 -3.88
C ALA A 270 -3.12 19.62 -4.66
N CYS A 271 -1.94 19.98 -4.10
CA CYS A 271 -0.98 20.93 -4.69
C CYS A 271 -0.42 20.44 -6.03
N GLU A 272 -0.09 19.14 -6.13
CA GLU A 272 0.39 18.55 -7.40
C GLU A 272 -0.64 18.75 -8.50
N ARG A 273 -1.92 18.54 -8.17
CA ARG A 273 -2.99 18.64 -9.16
C ARG A 273 -3.29 20.09 -9.55
N ALA A 274 -3.34 20.99 -8.56
CA ALA A 274 -3.52 22.44 -8.72
C ALA A 274 -2.44 23.02 -9.62
N LYS A 275 -1.16 22.64 -9.40
CA LYS A 275 -0.02 22.99 -10.25
C LYS A 275 -0.28 22.62 -11.75
N ARG A 276 -0.78 21.41 -12.00
CA ARG A 276 -1.12 20.97 -13.37
C ARG A 276 -2.18 21.89 -14.01
N THR A 277 -3.27 22.21 -13.29
CA THR A 277 -4.33 23.14 -13.72
C THR A 277 -3.75 24.51 -14.05
N LEU A 278 -2.77 24.97 -13.26
CA LEU A 278 -2.15 26.30 -13.42
C LEU A 278 -1.28 26.44 -14.66
N SER A 279 -0.99 25.33 -15.37
CA SER A 279 -0.32 25.43 -16.67
C SER A 279 -1.30 25.78 -17.81
N SER A 280 -2.63 25.58 -17.59
CA SER A 280 -3.59 25.94 -18.64
C SER A 280 -4.68 26.95 -18.17
N SER A 281 -4.81 27.15 -16.85
CA SER A 281 -5.75 28.10 -16.24
C SER A 281 -4.96 29.03 -15.28
N THR A 282 -5.47 30.23 -14.98
CA THR A 282 -4.79 31.22 -14.15
C THR A 282 -5.15 31.05 -12.67
N GLN A 283 -6.05 30.11 -12.33
CA GLN A 283 -6.43 29.76 -10.96
C GLN A 283 -6.79 28.26 -10.91
N ALA A 284 -6.64 27.64 -9.71
CA ALA A 284 -6.94 26.24 -9.42
C ALA A 284 -7.68 26.16 -8.08
N SER A 285 -8.64 25.24 -7.96
CA SER A 285 -9.36 25.05 -6.70
C SER A 285 -8.80 23.86 -5.91
N ILE A 286 -8.54 24.06 -4.61
CA ILE A 286 -8.18 22.99 -3.67
C ILE A 286 -9.46 22.63 -2.90
N GLU A 287 -9.76 21.32 -2.77
CA GLU A 287 -11.04 20.87 -2.21
C GLU A 287 -10.82 19.66 -1.32
N ILE A 288 -10.27 19.89 -0.12
CA ILE A 288 -9.94 18.80 0.82
C ILE A 288 -10.96 18.65 1.95
N ASP A 289 -11.59 17.49 2.02
CA ASP A 289 -12.52 17.17 3.08
C ASP A 289 -11.77 16.70 4.31
N SER A 290 -12.15 17.25 5.49
CA SER A 290 -11.58 16.89 6.79
C SER A 290 -10.04 16.79 6.72
N LEU A 291 -9.37 17.90 6.39
CA LEU A 291 -7.91 17.91 6.38
C LEU A 291 -7.32 17.72 7.79
N TYR A 292 -7.96 18.32 8.79
CA TYR A 292 -7.36 18.26 10.11
C TYR A 292 -8.39 18.54 11.14
N GLU A 293 -8.53 17.59 12.09
CA GLU A 293 -9.51 17.63 13.18
C GLU A 293 -10.95 17.89 12.64
N GLY A 294 -11.29 17.23 11.54
CA GLY A 294 -12.62 17.34 10.93
C GLY A 294 -12.90 18.66 10.22
N VAL A 295 -11.89 19.53 10.08
CA VAL A 295 -11.99 20.83 9.41
C VAL A 295 -11.60 20.71 7.91
N ASP A 296 -12.53 21.15 7.02
CA ASP A 296 -12.32 21.12 5.57
C ASP A 296 -11.33 22.21 5.15
N PHE A 297 -10.52 21.94 4.11
CA PHE A 297 -9.71 22.99 3.50
C PHE A 297 -10.09 23.16 2.02
N TYR A 298 -10.98 24.14 1.78
CA TYR A 298 -11.38 24.56 0.44
C TYR A 298 -10.81 25.93 0.22
N THR A 299 -10.08 26.07 -0.88
CA THR A 299 -9.39 27.32 -1.19
C THR A 299 -9.03 27.37 -2.64
N SER A 300 -8.42 28.50 -3.05
CA SER A 300 -8.15 28.82 -4.44
C SER A 300 -6.76 29.45 -4.47
N ILE A 301 -5.97 29.08 -5.48
CA ILE A 301 -4.60 29.59 -5.66
C ILE A 301 -4.46 30.10 -7.10
N THR A 302 -3.76 31.20 -7.29
CA THR A 302 -3.61 31.85 -8.60
C THR A 302 -2.29 31.36 -9.24
N ARG A 303 -2.21 31.41 -10.60
CA ARG A 303 -0.93 31.24 -11.31
C ARG A 303 0.15 32.23 -10.83
N ALA A 304 -0.21 33.52 -10.68
CA ALA A 304 0.75 34.53 -10.27
C ALA A 304 1.36 34.21 -8.88
N ARG A 305 0.54 33.71 -7.94
CA ARG A 305 1.00 33.28 -6.61
C ARG A 305 1.98 32.08 -6.79
N PHE A 306 1.57 31.06 -7.57
CA PHE A 306 2.46 29.90 -7.84
C PHE A 306 3.83 30.31 -8.42
N GLU A 307 3.85 31.25 -9.36
CA GLU A 307 5.11 31.76 -9.92
C GLU A 307 5.92 32.52 -8.90
N GLU A 308 5.25 33.32 -8.05
CA GLU A 308 5.94 34.00 -6.97
C GLU A 308 6.66 33.04 -6.01
N LEU A 309 5.95 31.99 -5.55
CA LEU A 309 6.49 31.00 -4.58
C LEU A 309 7.69 30.24 -5.13
N ASN A 310 7.84 30.24 -6.46
CA ASN A 310 8.88 29.50 -7.16
C ASN A 310 9.84 30.40 -7.96
N ALA A 311 9.85 31.75 -7.70
CA ALA A 311 10.68 32.71 -8.46
C ALA A 311 12.15 32.23 -8.68
N ASP A 312 12.85 31.81 -7.59
CA ASP A 312 14.23 31.28 -7.65
C ASP A 312 14.36 30.01 -8.45
N LEU A 313 13.42 29.06 -8.23
CA LEU A 313 13.55 27.74 -8.82
C LEU A 313 13.35 27.82 -10.32
N PHE A 314 12.38 28.64 -10.78
CA PHE A 314 12.12 28.82 -12.21
C PHE A 314 13.26 29.56 -12.94
N ARG A 315 13.72 30.69 -12.37
CA ARG A 315 14.81 31.46 -12.99
C ARG A 315 16.13 30.69 -12.94
N GLY A 316 16.32 29.92 -11.87
CA GLY A 316 17.50 29.10 -11.66
C GLY A 316 17.74 28.09 -12.75
N THR A 317 16.67 27.66 -13.52
CA THR A 317 16.79 26.67 -14.59
C THR A 317 17.67 27.24 -15.75
N LEU A 318 17.82 28.56 -15.82
CA LEU A 318 18.66 29.18 -16.84
C LEU A 318 20.18 28.98 -16.58
N GLU A 319 20.56 28.70 -15.31
CA GLU A 319 21.96 28.53 -14.98
C GLU A 319 22.57 27.29 -15.66
N PRO A 320 21.99 26.08 -15.53
CA PRO A 320 22.43 24.94 -16.37
C PRO A 320 22.43 25.17 -17.89
N VAL A 321 21.51 26.02 -18.43
CA VAL A 321 21.52 26.40 -19.85
C VAL A 321 22.85 27.17 -20.18
N GLU A 322 23.18 28.21 -19.37
CA GLU A 322 24.40 28.97 -19.55
C GLU A 322 25.63 28.11 -19.42
N LYS A 323 25.59 27.14 -18.49
CA LYS A 323 26.71 26.23 -18.27
C LYS A 323 26.94 25.29 -19.44
N ALA A 324 25.84 24.69 -19.97
CA ALA A 324 25.90 23.77 -21.11
C ALA A 324 26.42 24.54 -22.31
N LEU A 325 25.96 25.82 -22.50
CA LEU A 325 26.53 26.67 -23.58
C LEU A 325 28.04 26.89 -23.47
N ARG A 326 28.50 27.26 -22.26
CA ARG A 326 29.93 27.52 -21.95
C ARG A 326 30.74 26.24 -22.30
N ASP A 327 30.29 25.07 -21.77
CA ASP A 327 30.93 23.78 -22.03
C ASP A 327 30.93 23.41 -23.50
N ALA A 328 29.85 23.72 -24.22
CA ALA A 328 29.75 23.43 -25.67
C ALA A 328 30.60 24.40 -26.50
N LYS A 329 31.03 25.53 -25.89
CA LYS A 329 31.76 26.65 -26.48
C LYS A 329 30.87 27.35 -27.52
N LEU A 330 29.61 27.55 -27.15
CA LEU A 330 28.59 28.11 -28.03
C LEU A 330 28.00 29.34 -27.40
N ASP A 331 27.69 30.30 -28.24
CA ASP A 331 26.86 31.45 -27.87
C ASP A 331 25.40 31.00 -27.96
N LYS A 332 24.50 31.60 -27.13
CA LYS A 332 23.08 31.24 -27.20
C LYS A 332 22.46 31.46 -28.60
N GLY A 333 23.01 32.40 -29.38
CA GLY A 333 22.59 32.68 -30.75
C GLY A 333 22.92 31.57 -31.74
N GLN A 334 23.78 30.63 -31.32
CA GLN A 334 24.20 29.54 -32.18
C GLN A 334 23.34 28.28 -32.00
N ILE A 335 22.26 28.36 -31.19
CA ILE A 335 21.32 27.24 -30.99
C ILE A 335 20.24 27.36 -32.04
N GLN A 336 20.08 26.34 -32.92
CA GLN A 336 19.09 26.37 -33.99
C GLN A 336 17.72 25.82 -33.58
N GLU A 337 17.70 24.95 -32.57
CA GLU A 337 16.46 24.33 -32.09
C GLU A 337 16.49 24.18 -30.59
N ILE A 338 15.35 24.50 -29.94
CA ILE A 338 15.20 24.29 -28.49
C ILE A 338 14.04 23.35 -28.32
N VAL A 339 14.24 22.24 -27.56
CA VAL A 339 13.22 21.19 -27.36
C VAL A 339 12.83 21.13 -25.88
N LEU A 340 11.55 21.27 -25.59
CA LEU A 340 10.99 21.11 -24.24
C LEU A 340 10.66 19.64 -23.93
N VAL A 341 11.22 19.11 -22.82
CA VAL A 341 10.92 17.73 -22.39
C VAL A 341 10.58 17.77 -20.90
N GLY A 342 9.72 16.86 -20.45
CA GLY A 342 9.32 16.76 -19.06
C GLY A 342 8.06 17.53 -18.77
N GLY A 343 7.20 16.96 -17.89
CA GLY A 343 5.91 17.56 -17.56
C GLY A 343 6.02 18.99 -17.07
N SER A 344 7.14 19.32 -16.38
CA SER A 344 7.32 20.67 -15.81
C SER A 344 7.49 21.77 -16.86
N THR A 345 7.87 21.44 -18.11
CA THR A 345 8.12 22.50 -19.12
C THR A 345 6.80 23.02 -19.68
N ARG A 346 5.68 22.43 -19.25
CA ARG A 346 4.34 22.99 -19.50
C ARG A 346 4.11 24.28 -18.73
N ILE A 347 4.85 24.53 -17.63
CA ILE A 347 4.68 25.76 -16.82
C ILE A 347 4.96 27.00 -17.74
N PRO A 348 3.93 27.86 -17.97
CA PRO A 348 4.12 29.05 -18.85
C PRO A 348 5.31 29.96 -18.49
N LYS A 349 5.52 30.24 -17.19
CA LYS A 349 6.62 31.12 -16.73
C LYS A 349 7.97 30.48 -17.12
N ILE A 350 8.11 29.15 -16.99
CA ILE A 350 9.35 28.47 -17.46
C ILE A 350 9.56 28.67 -19.00
N GLN A 351 8.49 28.44 -19.79
CA GLN A 351 8.50 28.65 -21.24
C GLN A 351 8.92 30.07 -21.61
N LYS A 352 8.38 31.08 -20.90
CA LYS A 352 8.67 32.50 -21.12
C LYS A 352 10.14 32.86 -20.75
N LEU A 353 10.62 32.38 -19.59
CA LEU A 353 12.01 32.66 -19.14
C LEU A 353 13.01 32.09 -20.16
N LEU A 354 12.71 30.89 -20.70
CA LEU A 354 13.58 30.22 -21.66
C LEU A 354 13.58 30.94 -23.04
N GLN A 355 12.39 31.22 -23.52
CA GLN A 355 12.19 31.97 -24.76
C GLN A 355 12.81 33.36 -24.71
N ASP A 356 12.64 34.13 -23.61
CA ASP A 356 13.30 35.45 -23.47
C ASP A 356 14.84 35.33 -23.45
N PHE A 357 15.36 34.32 -22.75
CA PHE A 357 16.80 34.02 -22.71
C PHE A 357 17.32 33.79 -24.13
N PHE A 358 16.52 33.13 -24.96
CA PHE A 358 16.87 32.87 -26.35
C PHE A 358 16.35 33.94 -27.30
N ASN A 359 16.12 35.17 -26.77
CA ASN A 359 15.76 36.36 -27.57
C ASN A 359 14.50 36.18 -28.39
N GLY A 360 13.53 35.50 -27.81
CA GLY A 360 12.23 35.34 -28.46
C GLY A 360 12.08 34.15 -29.36
N LYS A 361 13.13 33.33 -29.52
CA LYS A 361 13.07 32.08 -30.30
C LYS A 361 11.90 31.18 -29.90
N GLU A 362 11.19 30.63 -30.91
CA GLU A 362 10.07 29.70 -30.66
C GLU A 362 10.61 28.35 -30.21
N LEU A 363 9.88 27.71 -29.29
CA LEU A 363 10.29 26.46 -28.65
C LEU A 363 9.60 25.32 -29.40
N ASN A 364 10.27 24.16 -29.54
CA ASN A 364 9.61 22.93 -29.98
C ASN A 364 8.87 22.35 -28.78
N LYS A 365 7.54 22.39 -28.82
CA LYS A 365 6.73 22.06 -27.65
C LYS A 365 5.38 21.43 -28.03
N SER A 366 5.16 21.18 -29.34
CA SER A 366 3.90 20.62 -29.80
C SER A 366 3.66 19.16 -29.37
N ILE A 367 4.73 18.43 -28.96
CA ILE A 367 4.54 17.02 -28.54
C ILE A 367 4.46 17.06 -27.02
N ASN A 368 3.44 16.42 -26.43
CA ASN A 368 3.34 16.29 -24.98
C ASN A 368 4.75 16.07 -24.42
N PRO A 369 5.22 16.96 -23.53
CA PRO A 369 6.65 16.93 -23.16
C PRO A 369 7.05 15.72 -22.33
N ASP A 370 6.09 15.13 -21.58
CA ASP A 370 6.35 13.88 -20.85
C ASP A 370 6.28 12.62 -21.75
N GLU A 371 5.99 12.83 -23.05
CA GLU A 371 5.87 11.73 -24.01
C GLU A 371 6.91 11.72 -25.11
N ALA A 372 7.65 12.83 -25.25
CA ALA A 372 8.54 13.15 -26.38
C ALA A 372 9.67 12.13 -26.49
N VAL A 373 10.19 11.70 -25.33
CA VAL A 373 11.28 10.74 -25.29
C VAL A 373 10.82 9.34 -25.78
N ALA A 374 9.69 8.82 -25.26
CA ALA A 374 9.15 7.54 -25.77
C ALA A 374 8.77 7.67 -27.26
N TYR A 375 8.26 8.84 -27.65
CA TYR A 375 7.84 9.12 -29.06
C TYR A 375 9.05 8.94 -30.00
N GLY A 376 10.21 9.54 -29.67
CA GLY A 376 11.40 9.37 -30.48
C GLY A 376 12.03 7.99 -30.45
N ALA A 377 11.96 7.32 -29.31
CA ALA A 377 12.39 5.91 -29.14
C ALA A 377 11.56 5.01 -30.05
N ALA A 378 10.24 5.23 -30.14
CA ALA A 378 9.34 4.52 -31.06
C ALA A 378 9.68 4.73 -32.56
N VAL A 379 9.97 6.00 -32.97
CA VAL A 379 10.40 6.31 -34.33
C VAL A 379 11.70 5.53 -34.64
N GLN A 380 12.65 5.56 -33.68
CA GLN A 380 13.94 4.83 -33.79
C GLN A 380 13.73 3.34 -33.88
N ALA A 381 12.82 2.79 -33.07
CA ALA A 381 12.52 1.34 -33.14
C ALA A 381 12.08 0.96 -34.54
N ALA A 382 11.17 1.77 -35.16
CA ALA A 382 10.68 1.57 -36.53
C ALA A 382 11.76 1.58 -37.60
N ILE A 383 12.72 2.50 -37.45
CA ILE A 383 13.86 2.59 -38.35
C ILE A 383 14.67 1.32 -38.30
N LEU A 384 15.11 0.90 -37.09
CA LEU A 384 15.89 -0.32 -36.88
C LEU A 384 15.19 -1.62 -37.30
N ILE A 385 13.86 -1.67 -37.21
CA ILE A 385 13.10 -2.86 -37.59
C ILE A 385 12.90 -2.91 -39.13
N GLY A 386 12.79 -1.73 -39.74
CA GLY A 386 12.71 -1.57 -41.20
C GLY A 386 11.32 -1.91 -41.74
N ASP A 387 10.50 -2.51 -41.02
CA GLY B 6 -16.32 14.20 18.43
C GLY B 6 -14.82 14.11 18.54
N PRO B 7 -14.14 13.35 17.65
CA PRO B 7 -14.66 12.52 16.54
C PRO B 7 -15.45 11.26 16.94
N ALA B 8 -16.25 10.74 16.01
CA ALA B 8 -17.06 9.54 16.16
C ALA B 8 -16.27 8.29 15.85
N ILE B 9 -15.71 7.60 16.89
CA ILE B 9 -14.76 6.43 16.75
C ILE B 9 -15.34 5.05 17.18
N GLY B 10 -15.14 4.05 16.33
CA GLY B 10 -15.51 2.68 16.63
C GLY B 10 -14.30 1.76 16.74
N ILE B 11 -14.27 0.95 17.77
CA ILE B 11 -13.13 0.02 17.95
C ILE B 11 -13.61 -1.43 18.09
N ASP B 12 -13.14 -2.29 17.20
CA ASP B 12 -13.24 -3.73 17.30
C ASP B 12 -11.98 -4.18 18.04
N LEU B 13 -12.11 -4.53 19.30
CA LEU B 13 -10.97 -5.03 20.10
C LEU B 13 -11.06 -6.52 20.02
N GLY B 14 -10.30 -7.09 19.08
CA GLY B 14 -10.35 -8.50 18.78
C GLY B 14 -9.34 -9.28 19.60
N THR B 15 -9.50 -10.59 19.65
CA THR B 15 -8.62 -11.39 20.49
C THR B 15 -7.18 -11.46 19.92
N THR B 16 -7.00 -11.49 18.56
CA THR B 16 -5.65 -11.39 17.97
C THR B 16 -5.45 -10.15 17.14
N TYR B 17 -6.54 -9.57 16.55
CA TYR B 17 -6.48 -8.35 15.73
C TYR B 17 -7.55 -7.36 16.07
N SER B 18 -7.23 -6.07 16.02
CA SER B 18 -8.17 -5.00 16.29
C SER B 18 -8.29 -4.12 15.05
N CYS B 19 -9.34 -3.30 15.00
CA CYS B 19 -9.67 -2.44 13.86
C CYS B 19 -10.32 -1.17 14.42
N VAL B 20 -9.97 -0.01 13.86
CA VAL B 20 -10.58 1.27 14.22
C VAL B 20 -11.14 2.00 13.00
N GLY B 21 -12.32 2.59 13.16
CA GLY B 21 -12.96 3.39 12.12
C GLY B 21 -13.49 4.69 12.68
N VAL B 22 -13.64 5.67 11.77
CA VAL B 22 -14.28 6.96 12.04
C VAL B 22 -15.47 7.15 11.08
N PHE B 23 -16.55 7.70 11.59
CA PHE B 23 -17.67 8.18 10.82
C PHE B 23 -17.47 9.69 10.58
N GLN B 24 -17.30 10.11 9.32
CA GLN B 24 -17.10 11.51 8.88
C GLN B 24 -17.81 11.74 7.55
N HIS B 25 -18.43 12.93 7.38
CA HIS B 25 -19.16 13.30 6.16
C HIS B 25 -20.11 12.17 5.75
N GLY B 26 -20.94 11.73 6.70
CA GLY B 26 -21.98 10.73 6.44
C GLY B 26 -21.53 9.31 6.14
N LYS B 27 -20.19 9.01 6.16
CA LYS B 27 -19.65 7.66 5.88
C LYS B 27 -18.48 7.21 6.79
N VAL B 28 -18.26 5.89 6.84
CA VAL B 28 -17.21 5.25 7.65
C VAL B 28 -15.92 5.16 6.83
N GLU B 29 -14.84 5.59 7.42
CA GLU B 29 -13.48 5.34 6.93
C GLU B 29 -12.78 4.43 7.94
N ILE B 30 -12.37 3.26 7.48
CA ILE B 30 -11.56 2.35 8.30
C ILE B 30 -10.12 2.84 8.23
N ILE B 31 -9.40 2.88 9.36
CA ILE B 31 -8.14 3.61 9.46
C ILE B 31 -6.92 2.68 9.42
N ALA B 32 -6.00 2.93 8.47
CA ALA B 32 -4.77 2.13 8.43
C ALA B 32 -3.78 2.62 9.46
N ASN B 33 -2.99 1.70 10.01
CA ASN B 33 -1.98 2.04 11.00
C ASN B 33 -0.68 2.52 10.34
N ASP B 34 0.39 2.74 11.14
CA ASP B 34 1.60 3.35 10.57
C ASP B 34 2.31 2.44 9.55
N GLN B 35 2.05 1.12 9.58
CA GLN B 35 2.55 0.20 8.58
C GLN B 35 1.58 0.02 7.41
N GLY B 36 0.51 0.82 7.39
CA GLY B 36 -0.49 0.76 6.33
C GLY B 36 -1.50 -0.36 6.50
N ASN B 37 -1.50 -1.02 7.68
CA ASN B 37 -2.39 -2.14 7.88
C ASN B 37 -3.70 -1.64 8.46
N ARG B 38 -4.83 -2.07 7.83
CA ARG B 38 -6.21 -1.69 8.18
C ARG B 38 -6.74 -2.45 9.39
N THR B 39 -6.00 -3.50 9.84
CA THR B 39 -6.17 -4.15 11.16
C THR B 39 -4.81 -4.24 11.87
N THR B 40 -4.81 -4.31 13.22
CA THR B 40 -3.60 -4.18 14.02
C THR B 40 -3.57 -5.33 15.04
N PRO B 41 -2.46 -6.10 15.17
CA PRO B 41 -2.45 -7.20 16.15
C PRO B 41 -2.77 -6.70 17.58
N SER B 42 -3.60 -7.44 18.33
CA SER B 42 -3.87 -7.11 19.72
C SER B 42 -2.74 -7.74 20.54
N TYR B 43 -1.52 -7.28 20.28
CA TYR B 43 -0.29 -7.87 20.81
C TYR B 43 0.45 -6.79 21.56
N VAL B 44 1.02 -7.17 22.71
CA VAL B 44 1.90 -6.32 23.52
C VAL B 44 3.16 -7.11 23.84
N ALA B 45 4.32 -6.55 23.48
CA ALA B 45 5.61 -7.21 23.77
C ALA B 45 6.35 -6.38 24.81
N PHE B 46 6.99 -7.05 25.77
CA PHE B 46 7.88 -6.43 26.74
C PHE B 46 9.31 -6.91 26.45
N THR B 47 10.24 -5.96 26.30
CA THR B 47 11.62 -6.26 25.94
C THR B 47 12.61 -5.78 27.05
N ASP B 48 13.93 -5.93 26.83
CA ASP B 48 14.90 -5.40 27.79
C ASP B 48 14.76 -3.88 27.98
N THR B 49 14.21 -3.16 26.98
CA THR B 49 14.15 -1.69 26.98
C THR B 49 12.76 -1.08 26.78
N GLU B 50 11.81 -1.80 26.16
CA GLU B 50 10.57 -1.13 25.77
C GLU B 50 9.36 -2.03 25.70
N ARG B 51 8.22 -1.39 25.59
CA ARG B 51 6.93 -2.00 25.40
C ARG B 51 6.53 -1.75 23.93
N LEU B 52 6.28 -2.83 23.19
CA LEU B 52 5.88 -2.75 21.78
C LEU B 52 4.43 -3.12 21.66
N ILE B 53 3.67 -2.39 20.82
CA ILE B 53 2.25 -2.70 20.67
C ILE B 53 1.96 -2.87 19.20
N GLY B 54 1.11 -3.84 18.87
CA GLY B 54 0.51 -3.96 17.55
C GLY B 54 1.50 -4.65 16.61
N ASP B 55 1.67 -4.13 15.39
CA ASP B 55 2.59 -4.72 14.40
C ASP B 55 4.04 -4.97 14.91
N ALA B 56 4.64 -4.00 15.62
CA ALA B 56 5.98 -4.12 16.23
C ALA B 56 6.05 -5.31 17.19
N ALA B 57 4.99 -5.53 17.99
CA ALA B 57 4.93 -6.61 18.95
C ALA B 57 4.78 -7.94 18.22
N LYS B 58 3.84 -8.02 17.25
CA LYS B 58 3.65 -9.28 16.52
C LYS B 58 4.89 -9.64 15.67
N ASN B 59 5.58 -8.63 15.11
CA ASN B 59 6.75 -8.90 14.27
C ASN B 59 7.94 -9.55 15.00
N GLN B 60 8.07 -9.35 16.35
CA GLN B 60 9.15 -10.00 17.12
C GLN B 60 8.65 -11.19 17.97
N VAL B 61 7.41 -11.64 17.78
CA VAL B 61 6.82 -12.67 18.64
C VAL B 61 7.67 -13.95 18.64
N ALA B 62 8.25 -14.34 17.48
CA ALA B 62 9.01 -15.61 17.37
C ALA B 62 10.30 -15.53 18.17
N MET B 63 10.84 -14.28 18.25
CA MET B 63 12.09 -13.95 18.94
C MET B 63 11.85 -13.87 20.44
N ASN B 64 10.64 -13.49 20.86
CA ASN B 64 10.44 -13.15 22.27
C ASN B 64 9.08 -13.72 22.80
N PRO B 65 8.81 -15.06 22.64
CA PRO B 65 7.43 -15.56 22.83
C PRO B 65 6.91 -15.56 24.26
N THR B 66 7.80 -15.69 25.24
CA THR B 66 7.36 -15.73 26.65
C THR B 66 7.00 -14.33 27.18
N ASN B 67 7.38 -13.24 26.47
CA ASN B 67 7.14 -11.85 26.94
C ASN B 67 6.25 -11.08 25.96
N THR B 68 5.65 -11.81 25.01
CA THR B 68 4.73 -11.27 24.01
C THR B 68 3.31 -11.77 24.28
N ILE B 69 2.48 -10.86 24.75
CA ILE B 69 1.09 -11.12 25.11
C ILE B 69 0.16 -10.97 23.90
N PHE B 70 -0.73 -11.96 23.73
CA PHE B 70 -1.87 -11.91 22.84
C PHE B 70 -2.97 -12.66 23.60
N ASP B 71 -4.19 -12.70 23.05
CA ASP B 71 -5.33 -13.35 23.71
C ASP B 71 -5.69 -12.83 25.12
N ALA B 72 -5.29 -11.60 25.54
CA ALA B 72 -5.82 -11.05 26.81
C ALA B 72 -7.33 -11.03 26.83
N LYS B 73 -7.99 -11.01 25.64
CA LYS B 73 -9.49 -11.01 25.58
C LYS B 73 -10.10 -12.32 26.07
N ARG B 74 -9.33 -13.40 26.03
CA ARG B 74 -9.77 -14.70 26.57
C ARG B 74 -9.68 -14.72 28.11
N LEU B 75 -8.97 -13.75 28.72
CA LEU B 75 -8.81 -13.62 30.19
C LEU B 75 -9.63 -12.53 30.81
N ILE B 76 -9.96 -11.51 30.01
CA ILE B 76 -10.50 -10.24 30.53
C ILE B 76 -11.86 -10.53 31.23
N GLY B 77 -12.03 -10.01 32.45
CA GLY B 77 -13.28 -10.17 33.17
C GLY B 77 -13.53 -11.54 33.77
N ARG B 78 -12.55 -12.45 33.67
CA ARG B 78 -12.70 -13.82 34.20
C ARG B 78 -11.91 -13.98 35.52
N LYS B 79 -12.09 -15.12 36.22
CA LYS B 79 -11.32 -15.44 37.44
C LYS B 79 -10.25 -16.44 36.99
N PHE B 80 -9.09 -16.45 37.67
CA PHE B 80 -7.99 -17.38 37.40
C PHE B 80 -8.44 -18.84 37.46
N GLU B 81 -9.35 -19.16 38.39
CA GLU B 81 -9.90 -20.52 38.58
C GLU B 81 -10.89 -20.98 37.49
N ASP B 82 -11.33 -20.07 36.60
CA ASP B 82 -12.31 -20.44 35.59
C ASP B 82 -11.77 -21.51 34.69
N ALA B 83 -12.62 -22.48 34.31
CA ALA B 83 -12.26 -23.62 33.46
C ALA B 83 -11.62 -23.19 32.12
N THR B 84 -12.21 -22.21 31.41
CA THR B 84 -11.63 -21.71 30.15
C THR B 84 -10.19 -21.15 30.38
N VAL B 85 -9.95 -20.45 31.51
CA VAL B 85 -8.65 -19.85 31.85
C VAL B 85 -7.62 -20.96 32.04
N GLN B 86 -7.98 -21.99 32.86
CA GLN B 86 -7.08 -23.12 33.13
C GLN B 86 -6.82 -23.93 31.86
N SER B 87 -7.86 -24.13 31.03
CA SER B 87 -7.68 -24.79 29.73
C SER B 87 -6.74 -24.00 28.77
N ASP B 88 -7.02 -22.70 28.55
CA ASP B 88 -6.27 -21.86 27.61
C ASP B 88 -4.81 -21.73 28.00
N MET B 89 -4.51 -21.69 29.30
CA MET B 89 -3.16 -21.54 29.85
C MET B 89 -2.22 -22.59 29.32
N LYS B 90 -2.73 -23.80 29.10
CA LYS B 90 -1.92 -24.92 28.59
C LYS B 90 -1.35 -24.68 27.16
N HIS B 91 -1.93 -23.72 26.41
CA HIS B 91 -1.54 -23.48 25.03
C HIS B 91 -0.83 -22.13 24.85
N TRP B 92 -0.60 -21.36 25.94
CA TRP B 92 0.12 -20.09 25.79
C TRP B 92 1.60 -20.22 26.16
N PRO B 93 2.51 -19.52 25.43
CA PRO B 93 3.93 -19.54 25.83
C PRO B 93 4.29 -18.58 26.98
N PHE B 94 3.41 -17.58 27.22
CA PHE B 94 3.54 -16.66 28.37
C PHE B 94 2.85 -17.25 29.58
N ARG B 95 3.36 -16.88 30.76
CA ARG B 95 2.92 -17.35 32.06
C ARG B 95 1.66 -16.55 32.49
N VAL B 96 0.71 -17.27 33.06
CA VAL B 96 -0.47 -16.62 33.62
C VAL B 96 -0.47 -16.99 35.11
N VAL B 97 -0.64 -15.97 35.96
CA VAL B 97 -0.63 -16.12 37.43
C VAL B 97 -1.89 -15.54 38.03
N SER B 98 -2.08 -15.73 39.32
CA SER B 98 -3.27 -15.29 40.03
C SER B 98 -2.95 -14.19 41.04
N GLU B 99 -3.78 -13.14 41.07
CA GLU B 99 -3.70 -12.11 42.10
C GLU B 99 -5.11 -11.73 42.55
N GLY B 100 -5.39 -11.94 43.83
CA GLY B 100 -6.71 -11.70 44.41
C GLY B 100 -7.82 -12.44 43.67
N GLY B 101 -7.52 -13.70 43.31
CA GLY B 101 -8.36 -14.56 42.47
C GLY B 101 -8.47 -14.14 41.01
N LYS B 102 -7.72 -13.13 40.56
CA LYS B 102 -7.83 -12.60 39.17
C LYS B 102 -6.65 -13.04 38.34
N PRO B 103 -6.82 -13.38 37.04
CA PRO B 103 -5.64 -13.77 36.23
C PRO B 103 -4.85 -12.54 35.85
N LYS B 104 -3.53 -12.72 35.73
CA LYS B 104 -2.61 -11.70 35.24
C LYS B 104 -1.58 -12.37 34.37
N VAL B 105 -1.10 -11.65 33.37
CA VAL B 105 0.03 -12.16 32.61
C VAL B 105 1.30 -11.76 33.35
N GLN B 106 2.26 -12.68 33.42
CA GLN B 106 3.54 -12.43 34.08
C GLN B 106 4.62 -12.41 33.00
N VAL B 107 5.39 -11.33 32.94
CA VAL B 107 6.44 -11.15 31.91
C VAL B 107 7.72 -10.64 32.53
N GLU B 108 8.79 -10.64 31.71
CA GLU B 108 10.05 -9.96 32.02
C GLU B 108 10.07 -8.66 31.23
N TYR B 109 10.34 -7.55 31.93
CA TYR B 109 10.37 -6.23 31.28
C TYR B 109 11.49 -5.46 31.96
N LYS B 110 12.45 -4.95 31.17
CA LYS B 110 13.60 -4.22 31.74
C LYS B 110 14.33 -5.04 32.81
N GLY B 111 14.40 -6.35 32.59
CA GLY B 111 15.13 -7.27 33.47
C GLY B 111 14.46 -7.54 34.82
N GLU B 112 13.18 -7.19 34.96
CA GLU B 112 12.43 -7.54 36.17
C GLU B 112 11.10 -8.22 35.82
N THR B 113 10.58 -8.98 36.78
CA THR B 113 9.28 -9.61 36.67
C THR B 113 8.19 -8.57 36.88
N LYS B 114 7.24 -8.50 35.92
CA LYS B 114 6.04 -7.67 36.09
C LYS B 114 4.81 -8.49 35.86
N THR B 115 3.69 -8.05 36.45
CA THR B 115 2.39 -8.68 36.14
C THR B 115 1.40 -7.62 35.74
N PHE B 116 0.51 -7.97 34.79
CA PHE B 116 -0.51 -7.08 34.23
C PHE B 116 -1.86 -7.76 34.20
N PHE B 117 -2.89 -7.08 34.71
CA PHE B 117 -4.27 -7.50 34.49
C PHE B 117 -4.60 -7.50 33.00
N PRO B 118 -5.55 -8.37 32.58
CA PRO B 118 -5.95 -8.40 31.15
C PRO B 118 -6.38 -7.03 30.64
N GLU B 119 -7.11 -6.23 31.44
CA GLU B 119 -7.56 -4.88 31.02
C GLU B 119 -6.38 -3.91 30.89
N GLU B 120 -5.26 -4.16 31.61
CA GLU B 120 -4.06 -3.33 31.40
C GLU B 120 -3.45 -3.61 30.04
N ILE B 121 -3.36 -4.89 29.63
CA ILE B 121 -2.88 -5.27 28.28
C ILE B 121 -3.84 -4.71 27.25
N SER B 122 -5.16 -4.93 27.43
CA SER B 122 -6.11 -4.39 26.45
C SER B 122 -6.12 -2.86 26.41
N SER B 123 -5.88 -2.18 27.52
CA SER B 123 -5.73 -0.72 27.44
C SER B 123 -4.51 -0.32 26.58
N MET B 124 -3.41 -1.09 26.61
CA MET B 124 -2.26 -0.76 25.75
C MET B 124 -2.61 -0.93 24.26
N VAL B 125 -3.33 -2.01 23.93
CA VAL B 125 -3.88 -2.17 22.59
C VAL B 125 -4.80 -1.00 22.22
N LEU B 126 -5.75 -0.65 23.12
CA LEU B 126 -6.67 0.47 22.88
C LEU B 126 -5.96 1.80 22.68
N THR B 127 -4.90 2.10 23.48
CA THR B 127 -4.05 3.27 23.28
C THR B 127 -3.44 3.26 21.88
N LYS B 128 -2.89 2.12 21.45
CA LYS B 128 -2.39 2.05 20.07
C LYS B 128 -3.53 2.34 19.06
N MET B 129 -4.74 1.75 19.25
CA MET B 129 -5.81 2.05 18.30
C MET B 129 -6.21 3.54 18.34
N LYS B 130 -6.19 4.15 19.54
CA LYS B 130 -6.47 5.58 19.72
C LYS B 130 -5.43 6.43 18.93
N GLU B 131 -4.13 6.08 19.04
CA GLU B 131 -3.06 6.87 18.41
C GLU B 131 -3.14 6.71 16.89
N ILE B 132 -3.55 5.52 16.42
CA ILE B 132 -3.82 5.23 15.00
C ILE B 132 -4.88 6.21 14.45
N ALA B 133 -6.01 6.32 15.13
CA ALA B 133 -7.07 7.26 14.73
C ALA B 133 -6.60 8.74 14.82
N GLU B 134 -5.81 9.11 15.85
CA GLU B 134 -5.33 10.50 16.01
C GLU B 134 -4.32 10.90 14.93
N ALA B 135 -3.47 9.95 14.47
CA ALA B 135 -2.56 10.20 13.31
C ALA B 135 -3.39 10.45 12.04
N TYR B 136 -4.47 9.71 11.89
CA TYR B 136 -5.37 9.85 10.75
C TYR B 136 -6.15 11.17 10.79
N LEU B 137 -6.68 11.55 11.98
CA LEU B 137 -7.56 12.71 12.09
C LEU B 137 -6.89 14.02 12.38
N GLY B 138 -5.81 14.00 13.15
CA GLY B 138 -5.27 15.19 13.83
C GLY B 138 -5.93 15.37 15.18
N GLY B 139 -5.21 15.99 16.11
CA GLY B 139 -5.70 16.26 17.46
C GLY B 139 -5.95 15.02 18.30
N LYS B 140 -6.98 15.08 19.17
CA LYS B 140 -7.19 14.02 20.15
C LYS B 140 -8.54 13.30 19.95
N VAL B 141 -8.55 12.01 20.26
CA VAL B 141 -9.79 11.24 20.27
C VAL B 141 -10.28 11.22 21.71
N HIS B 142 -11.57 11.48 21.93
CA HIS B 142 -12.14 11.54 23.26
C HIS B 142 -12.99 10.30 23.55
N SER B 143 -13.76 9.83 22.56
CA SER B 143 -14.83 8.88 22.84
C SER B 143 -14.74 7.71 21.87
N ALA B 144 -15.29 6.56 22.23
CA ALA B 144 -15.38 5.43 21.31
C ALA B 144 -16.54 4.54 21.68
N VAL B 145 -17.07 3.81 20.66
CA VAL B 145 -17.85 2.62 20.90
C VAL B 145 -16.88 1.43 20.77
N ILE B 146 -16.88 0.50 21.76
CA ILE B 146 -16.03 -0.69 21.76
C ILE B 146 -16.94 -1.90 21.76
N THR B 147 -16.58 -2.92 20.99
CA THR B 147 -17.46 -4.08 20.82
C THR B 147 -16.95 -5.26 21.61
N VAL B 148 -17.86 -6.20 21.96
CA VAL B 148 -17.54 -7.44 22.68
C VAL B 148 -18.33 -8.60 22.08
N PRO B 149 -17.90 -9.87 22.25
CA PRO B 149 -18.76 -10.99 21.83
C PRO B 149 -20.11 -10.98 22.55
N ALA B 150 -21.14 -11.44 21.85
CA ALA B 150 -22.52 -11.38 22.32
C ALA B 150 -22.68 -12.15 23.66
N TYR B 151 -21.91 -13.24 23.84
CA TYR B 151 -21.94 -14.10 25.02
C TYR B 151 -21.08 -13.60 26.19
N PHE B 152 -20.38 -12.44 26.03
CA PHE B 152 -19.66 -11.82 27.14
C PHE B 152 -20.64 -11.42 28.23
N ASN B 153 -20.25 -11.69 29.47
CA ASN B 153 -21.09 -11.40 30.61
C ASN B 153 -20.71 -10.01 31.11
N ASP B 154 -21.33 -9.57 32.17
CA ASP B 154 -21.17 -8.18 32.64
C ASP B 154 -19.79 -7.89 33.19
N SER B 155 -19.17 -8.89 33.84
CA SER B 155 -17.79 -8.73 34.30
C SER B 155 -16.81 -8.52 33.12
N GLN B 156 -16.98 -9.30 32.05
CA GLN B 156 -16.15 -9.16 30.85
C GLN B 156 -16.37 -7.82 30.16
N ARG B 157 -17.63 -7.33 30.15
CA ARG B 157 -18.02 -6.06 29.53
C ARG B 157 -17.44 -4.91 30.35
N GLN B 158 -17.61 -4.98 31.69
CA GLN B 158 -17.06 -3.97 32.59
C GLN B 158 -15.55 -3.92 32.52
N ALA B 159 -14.88 -5.10 32.46
CA ALA B 159 -13.41 -5.12 32.38
C ALA B 159 -12.92 -4.54 31.06
N THR B 160 -13.68 -4.76 29.95
CA THR B 160 -13.40 -4.13 28.67
C THR B 160 -13.52 -2.61 28.75
N LYS B 161 -14.58 -2.12 29.33
CA LYS B 161 -14.78 -0.71 29.61
C LYS B 161 -13.62 -0.13 30.42
N ASP B 162 -13.13 -0.87 31.46
CA ASP B 162 -12.03 -0.40 32.30
C ASP B 162 -10.76 -0.23 31.48
N ALA B 163 -10.51 -1.15 30.53
CA ALA B 163 -9.42 -1.01 29.57
C ALA B 163 -9.53 0.36 28.83
N GLY B 164 -10.74 0.67 28.32
CA GLY B 164 -11.01 1.98 27.70
C GLY B 164 -10.73 3.15 28.62
N THR B 165 -11.17 3.04 29.85
CA THR B 165 -11.07 4.20 30.71
C THR B 165 -9.60 4.37 31.17
N ILE B 166 -8.84 3.24 31.40
CA ILE B 166 -7.38 3.31 31.64
C ILE B 166 -6.66 4.07 30.47
N THR B 167 -7.09 3.80 29.23
CA THR B 167 -6.61 4.44 28.01
C THR B 167 -6.89 5.96 27.98
N GLY B 168 -7.93 6.41 28.70
CA GLY B 168 -8.41 7.78 28.64
C GLY B 168 -9.42 7.94 27.53
N LEU B 169 -10.18 6.86 27.21
CA LEU B 169 -11.38 7.03 26.35
C LEU B 169 -12.67 7.10 27.16
N ASN B 170 -13.57 7.99 26.76
CA ASN B 170 -14.96 7.90 27.21
C ASN B 170 -15.63 6.78 26.39
N VAL B 171 -15.99 5.63 27.03
CA VAL B 171 -16.62 4.51 26.31
C VAL B 171 -18.13 4.86 26.22
N LEU B 172 -18.59 5.24 25.03
CA LEU B 172 -19.98 5.67 24.85
C LEU B 172 -20.91 4.51 25.13
N ARG B 173 -20.52 3.33 24.68
CA ARG B 173 -21.31 2.13 24.90
C ARG B 173 -20.44 0.95 24.54
N ILE B 174 -20.63 -0.13 25.27
CA ILE B 174 -20.15 -1.45 24.85
C ILE B 174 -21.32 -2.09 24.07
N ILE B 175 -21.06 -2.48 22.80
CA ILE B 175 -22.12 -3.18 22.03
C ILE B 175 -21.61 -4.52 21.55
N ASN B 176 -22.54 -5.43 21.20
CA ASN B 176 -22.17 -6.73 20.66
C ASN B 176 -21.59 -6.65 19.25
N GLU B 177 -20.53 -7.40 19.06
CA GLU B 177 -19.91 -7.61 17.74
C GLU B 177 -20.92 -7.93 16.63
N PRO B 178 -21.82 -8.93 16.80
CA PRO B 178 -22.81 -9.20 15.72
C PRO B 178 -23.74 -8.02 15.47
N THR B 179 -24.06 -7.28 16.55
CA THR B 179 -24.92 -6.11 16.44
C THR B 179 -24.22 -5.02 15.64
N ALA B 180 -22.92 -4.77 15.94
CA ALA B 180 -22.13 -3.81 15.16
C ALA B 180 -22.11 -4.27 13.71
N ALA B 181 -21.86 -5.56 13.48
CA ALA B 181 -21.85 -6.03 12.09
C ALA B 181 -23.23 -5.75 11.39
N ALA B 182 -24.37 -6.01 12.07
CA ALA B 182 -25.72 -5.72 11.50
C ALA B 182 -25.89 -4.22 11.19
N ILE B 183 -25.41 -3.33 12.11
CA ILE B 183 -25.50 -1.90 11.97
C ILE B 183 -24.70 -1.41 10.75
N ALA B 184 -23.48 -1.95 10.54
CA ALA B 184 -22.61 -1.66 9.39
C ALA B 184 -23.36 -1.82 8.06
N TYR B 185 -24.20 -2.86 7.95
CA TYR B 185 -25.02 -3.15 6.74
C TYR B 185 -26.35 -2.38 6.74
N GLY B 186 -26.55 -1.53 7.76
CA GLY B 186 -27.77 -0.73 7.86
C GLY B 186 -29.02 -1.58 8.05
N LEU B 187 -28.90 -2.75 8.73
CA LEU B 187 -30.02 -3.72 8.76
C LEU B 187 -31.09 -3.32 9.75
N ASP B 188 -30.78 -2.36 10.63
CA ASP B 188 -31.74 -1.72 11.55
C ASP B 188 -32.57 -0.61 10.88
N LYS B 189 -32.23 -0.23 9.60
CA LYS B 189 -32.96 0.78 8.80
C LYS B 189 -33.52 0.20 7.48
N LYS B 190 -33.03 -0.98 7.07
CA LYS B 190 -33.45 -1.63 5.84
C LYS B 190 -34.86 -2.23 6.01
N GLY B 191 -35.73 -1.90 5.05
CA GLY B 191 -37.04 -2.55 4.83
C GLY B 191 -37.80 -3.04 6.04
CA CYS B 192 -36.86 -1.32 9.23
C CYS B 192 -38.34 -1.12 8.98
N ALA B 193 -38.69 -0.59 7.79
CA ALA B 193 -40.05 -0.29 7.37
C ALA B 193 -41.08 -1.34 7.83
N GLY B 194 -40.89 -2.60 7.41
CA GLY B 194 -41.86 -3.67 7.62
C GLY B 194 -41.44 -4.82 8.51
N GLY B 195 -41.33 -4.58 9.82
CA GLY B 195 -41.35 -5.63 10.82
C GLY B 195 -40.02 -6.13 11.35
N GLU B 196 -40.03 -7.37 11.86
CA GLU B 196 -38.87 -8.03 12.47
C GLU B 196 -37.96 -8.67 11.39
N LYS B 197 -36.66 -8.59 11.59
CA LYS B 197 -35.69 -9.34 10.78
C LYS B 197 -34.91 -10.27 11.65
N ASN B 198 -34.88 -11.54 11.25
CA ASN B 198 -33.97 -12.54 11.79
C ASN B 198 -32.69 -12.51 10.98
N VAL B 199 -31.57 -12.33 11.67
CA VAL B 199 -30.30 -12.02 11.05
C VAL B 199 -29.30 -12.98 11.66
N LEU B 200 -28.64 -13.76 10.79
CA LEU B 200 -27.54 -14.60 11.19
C LEU B 200 -26.19 -13.93 10.89
N ILE B 201 -25.38 -13.82 11.90
CA ILE B 201 -24.00 -13.34 11.74
C ILE B 201 -23.08 -14.52 11.78
N PHE B 202 -22.28 -14.69 10.73
CA PHE B 202 -21.35 -15.81 10.61
C PHE B 202 -19.92 -15.19 10.69
N ASP B 203 -19.28 -15.36 11.83
CA ASP B 203 -18.04 -14.62 12.11
C ASP B 203 -16.94 -15.57 12.34
N LEU B 204 -16.09 -15.72 11.31
CA LEU B 204 -15.02 -16.69 11.34
C LEU B 204 -13.70 -15.92 11.25
N GLY B 205 -12.98 -15.88 12.37
CA GLY B 205 -11.76 -15.09 12.50
C GLY B 205 -10.53 -15.97 12.37
N GLY B 206 -9.41 -15.46 12.84
CA GLY B 206 -8.13 -16.18 12.81
C GLY B 206 -8.07 -17.27 13.86
N GLY B 207 -8.80 -17.12 14.98
CA GLY B 207 -8.76 -18.12 16.05
C GLY B 207 -10.08 -18.36 16.77
N THR B 208 -11.19 -17.75 16.29
CA THR B 208 -12.52 -17.95 16.90
C THR B 208 -13.58 -18.06 15.81
N PHE B 209 -14.62 -18.85 16.11
CA PHE B 209 -15.78 -18.89 15.22
C PHE B 209 -17.05 -18.62 16.01
N ASP B 210 -17.79 -17.56 15.64
CA ASP B 210 -19.00 -17.13 16.37
C ASP B 210 -20.17 -17.07 15.43
N VAL B 211 -21.22 -17.83 15.71
CA VAL B 211 -22.50 -17.65 14.98
C VAL B 211 -23.46 -16.99 15.94
N SER B 212 -24.13 -15.89 15.49
CA SER B 212 -25.16 -15.26 16.31
C SER B 212 -26.44 -15.08 15.53
N ILE B 213 -27.55 -15.37 16.19
CA ILE B 213 -28.83 -15.06 15.61
C ILE B 213 -29.46 -13.90 16.34
N LEU B 214 -29.82 -12.83 15.60
CA LEU B 214 -30.40 -11.61 16.15
C LEU B 214 -31.77 -11.39 15.54
N THR B 215 -32.67 -10.78 16.31
CA THR B 215 -33.85 -10.13 15.74
C THR B 215 -33.62 -8.63 15.74
N ILE B 216 -34.11 -7.95 14.72
CA ILE B 216 -34.03 -6.49 14.65
C ILE B 216 -35.40 -6.02 14.27
N GLU B 217 -35.92 -5.12 15.06
CA GLU B 217 -37.21 -4.53 14.82
C GLU B 217 -37.23 -3.14 15.37
N ASP B 218 -37.65 -2.16 14.55
CA ASP B 218 -37.70 -0.73 14.90
C ASP B 218 -36.40 -0.27 15.57
N GLY B 219 -35.27 -0.75 15.05
CA GLY B 219 -33.93 -0.44 15.56
C GLY B 219 -33.57 -1.04 16.90
N ILE B 220 -34.40 -1.99 17.43
CA ILE B 220 -34.10 -2.73 18.66
C ILE B 220 -33.47 -4.08 18.28
N PHE B 221 -32.30 -4.40 18.84
CA PHE B 221 -31.61 -5.69 18.62
C PHE B 221 -31.81 -6.62 19.81
N GLU B 222 -32.15 -7.90 19.55
CA GLU B 222 -32.10 -8.96 20.58
C GLU B 222 -31.32 -10.15 20.08
N VAL B 223 -30.43 -10.67 20.94
CA VAL B 223 -29.72 -11.92 20.69
C VAL B 223 -30.64 -13.09 20.97
N LYS B 224 -30.91 -13.90 19.93
CA LYS B 224 -31.79 -15.06 20.09
C LYS B 224 -31.01 -16.31 20.43
N SER B 225 -29.83 -16.49 19.83
CA SER B 225 -28.97 -17.64 20.12
C SER B 225 -27.54 -17.34 19.74
N THR B 226 -26.61 -18.09 20.34
CA THR B 226 -25.21 -18.06 19.96
C THR B 226 -24.72 -19.51 19.87
N ALA B 227 -23.81 -19.76 18.94
CA ALA B 227 -23.12 -21.04 18.81
C ALA B 227 -21.76 -20.80 18.16
N GLY B 228 -20.89 -21.80 18.20
CA GLY B 228 -19.60 -21.67 17.59
C GLY B 228 -18.56 -22.54 18.22
N ASP B 229 -17.31 -22.14 18.05
CA ASP B 229 -16.13 -22.85 18.51
C ASP B 229 -15.12 -21.75 18.80
N THR B 230 -14.79 -21.53 20.09
CA THR B 230 -13.88 -20.48 20.56
C THR B 230 -12.42 -20.79 20.19
N HIS B 231 -12.15 -21.96 19.60
CA HIS B 231 -10.79 -22.36 19.23
C HIS B 231 -10.73 -22.84 17.79
N LEU B 232 -11.59 -22.28 16.91
CA LEU B 232 -11.48 -22.57 15.48
C LEU B 232 -11.31 -21.26 14.72
N GLY B 233 -10.33 -21.20 13.85
CA GLY B 233 -10.18 -20.07 12.93
C GLY B 233 -9.26 -20.37 11.76
N GLY B 234 -8.87 -19.31 11.08
CA GLY B 234 -7.98 -19.34 9.91
C GLY B 234 -6.64 -20.00 10.18
N GLU B 235 -6.11 -19.83 11.40
CA GLU B 235 -4.87 -20.52 11.83
C GLU B 235 -4.95 -22.06 11.70
N ASP B 236 -6.14 -22.62 11.88
CA ASP B 236 -6.36 -24.08 11.70
C ASP B 236 -6.21 -24.49 10.26
N PHE B 237 -6.67 -23.62 9.31
CA PHE B 237 -6.52 -23.83 7.87
C PHE B 237 -5.07 -23.76 7.50
N ASP B 238 -4.32 -22.77 8.06
CA ASP B 238 -2.88 -22.65 7.83
C ASP B 238 -2.14 -23.94 8.24
N ASN B 239 -2.49 -24.52 9.43
CA ASN B 239 -1.92 -25.76 10.00
C ASN B 239 -2.01 -26.88 9.00
N ARG B 240 -3.15 -26.96 8.28
CA ARG B 240 -3.36 -28.01 7.28
C ARG B 240 -2.45 -27.81 6.07
N MET B 241 -2.26 -26.56 5.63
CA MET B 241 -1.37 -26.32 4.49
C MET B 241 0.09 -26.55 4.91
N VAL B 242 0.44 -26.20 6.14
CA VAL B 242 1.79 -26.42 6.67
C VAL B 242 2.19 -27.91 6.58
N SER B 243 1.33 -28.83 7.09
CA SER B 243 1.65 -30.28 7.12
C SER B 243 1.80 -30.78 5.72
N HIS B 244 0.93 -30.30 4.79
CA HIS B 244 0.95 -30.75 3.40
C HIS B 244 2.28 -30.35 2.75
N LEU B 245 2.66 -29.09 2.87
CA LEU B 245 3.84 -28.59 2.20
C LEU B 245 5.11 -29.05 2.90
N ALA B 246 5.06 -29.30 4.23
CA ALA B 246 6.25 -29.90 4.90
C ALA B 246 6.50 -31.34 4.37
N GLU B 247 5.45 -32.12 4.20
CA GLU B 247 5.49 -33.46 3.58
C GLU B 247 6.02 -33.36 2.15
N GLU B 248 5.64 -32.31 1.43
CA GLU B 248 6.09 -32.17 0.03
C GLU B 248 7.61 -31.91 0.02
N PHE B 249 8.08 -30.97 0.88
CA PHE B 249 9.49 -30.63 1.02
C PHE B 249 10.31 -31.89 1.33
N LYS B 250 9.81 -32.70 2.28
CA LYS B 250 10.41 -33.96 2.73
C LYS B 250 10.40 -34.96 1.59
CA ARG B 251 9.06 -36.05 -0.85
C ARG B 251 10.26 -35.55 -1.67
N LYS B 252 10.38 -34.21 -1.88
CA LYS B 252 11.30 -33.64 -2.89
C LYS B 252 12.78 -33.54 -2.48
N HIS B 253 13.06 -33.20 -1.22
CA HIS B 253 14.43 -32.89 -0.80
C HIS B 253 14.97 -33.81 0.30
N LYS B 254 14.16 -34.82 0.75
CA LYS B 254 14.52 -35.86 1.74
C LYS B 254 15.03 -35.24 3.07
N LYS B 255 14.55 -34.02 3.35
CA LYS B 255 14.80 -33.28 4.57
C LYS B 255 13.50 -33.10 5.35
N ASP B 256 13.51 -33.50 6.61
CA ASP B 256 12.36 -33.35 7.50
C ASP B 256 12.53 -32.05 8.31
N ILE B 257 11.66 -31.03 8.07
CA ILE B 257 11.70 -29.75 8.78
C ILE B 257 10.98 -29.78 10.12
N GLY B 258 10.21 -30.84 10.37
CA GLY B 258 9.32 -30.97 11.52
C GLY B 258 9.96 -30.69 12.86
N PRO B 259 11.15 -31.27 13.16
CA PRO B 259 11.84 -30.91 14.43
C PRO B 259 12.41 -29.50 14.52
N ASN B 260 12.40 -28.71 13.41
CA ASN B 260 13.08 -27.42 13.39
C ASN B 260 12.04 -26.30 13.45
N LYS B 261 11.93 -25.66 14.63
CA LYS B 261 10.84 -24.72 14.85
C LYS B 261 10.97 -23.46 13.96
N ARG B 262 12.17 -22.97 13.63
CA ARG B 262 12.25 -21.84 12.67
C ARG B 262 11.74 -22.24 11.29
N ALA B 263 12.13 -23.43 10.80
CA ALA B 263 11.72 -23.82 9.46
C ALA B 263 10.17 -23.96 9.40
N VAL B 264 9.58 -24.50 10.46
CA VAL B 264 8.12 -24.68 10.51
C VAL B 264 7.43 -23.30 10.54
N ARG B 265 7.97 -22.36 11.35
CA ARG B 265 7.39 -21.05 11.49
C ARG B 265 7.39 -20.31 10.12
N ARG B 266 8.51 -20.39 9.38
CA ARG B 266 8.64 -19.71 8.07
C ARG B 266 7.72 -20.36 7.04
N LEU B 267 7.62 -21.71 7.05
CA LEU B 267 6.60 -22.35 6.21
C LEU B 267 5.21 -21.83 6.57
N ARG B 268 4.89 -21.68 7.85
CA ARG B 268 3.55 -21.20 8.23
C ARG B 268 3.28 -19.78 7.74
N THR B 269 4.30 -18.91 7.79
CA THR B 269 4.24 -17.51 7.31
C THR B 269 3.88 -17.54 5.84
N ALA B 270 4.63 -18.33 5.02
CA ALA B 270 4.35 -18.53 3.60
C ALA B 270 2.90 -19.02 3.40
N CYS B 271 2.48 -20.02 4.21
CA CYS B 271 1.15 -20.63 4.10
C CYS B 271 0.05 -19.65 4.39
N GLU B 272 0.21 -18.84 5.43
CA GLU B 272 -0.73 -17.74 5.74
C GLU B 272 -0.98 -16.82 4.51
N ARG B 273 0.10 -16.37 3.86
CA ARG B 273 0.06 -15.49 2.67
C ARG B 273 -0.57 -16.19 1.47
N ALA B 274 -0.15 -17.43 1.18
CA ALA B 274 -0.71 -18.25 0.10
C ALA B 274 -2.23 -18.36 0.24
N LYS B 275 -2.72 -18.67 1.45
CA LYS B 275 -4.14 -18.80 1.78
C LYS B 275 -4.93 -17.52 1.40
N ARG B 276 -4.42 -16.34 1.75
CA ARG B 276 -5.06 -15.06 1.39
C ARG B 276 -5.18 -14.88 -0.13
N THR B 277 -4.10 -15.16 -0.89
CA THR B 277 -4.11 -15.12 -2.36
C THR B 277 -5.17 -16.07 -2.92
N LEU B 278 -5.27 -17.27 -2.36
CA LEU B 278 -6.24 -18.27 -2.79
C LEU B 278 -7.72 -17.89 -2.60
N SER B 279 -8.03 -16.85 -1.84
CA SER B 279 -9.42 -16.34 -1.81
C SER B 279 -9.74 -15.46 -3.04
N SER B 280 -8.69 -14.96 -3.74
CA SER B 280 -8.98 -14.25 -5.01
C SER B 280 -8.32 -14.86 -6.28
N SER B 281 -7.41 -15.84 -6.15
CA SER B 281 -6.78 -16.52 -7.30
C SER B 281 -6.92 -18.03 -7.08
N THR B 282 -6.79 -18.86 -8.13
CA THR B 282 -6.95 -20.31 -8.05
C THR B 282 -5.62 -21.00 -7.75
N GLN B 283 -4.53 -20.23 -7.69
CA GLN B 283 -3.18 -20.73 -7.37
C GLN B 283 -2.39 -19.65 -6.62
N ALA B 284 -1.38 -20.09 -5.84
CA ALA B 284 -0.53 -19.17 -5.10
C ALA B 284 0.90 -19.72 -5.12
N SER B 285 1.87 -18.80 -5.12
CA SER B 285 3.29 -19.12 -5.17
C SER B 285 3.97 -19.08 -3.77
N ILE B 286 4.65 -20.17 -3.38
CA ILE B 286 5.50 -20.20 -2.16
C ILE B 286 6.96 -19.93 -2.59
N GLU B 287 7.65 -18.97 -1.96
CA GLU B 287 9.00 -18.54 -2.34
C GLU B 287 9.94 -18.37 -1.14
N ILE B 288 10.27 -19.48 -0.47
CA ILE B 288 11.16 -19.41 0.70
C ILE B 288 12.60 -19.73 0.32
N ASP B 289 13.48 -18.81 0.65
CA ASP B 289 14.91 -18.97 0.44
C ASP B 289 15.51 -19.67 1.65
N SER B 290 16.47 -20.59 1.39
CA SER B 290 17.18 -21.37 2.41
C SER B 290 16.21 -21.84 3.49
N LEU B 291 15.22 -22.67 3.11
CA LEU B 291 14.29 -23.22 4.09
C LEU B 291 14.99 -24.13 5.09
N TYR B 292 15.83 -25.05 4.58
CA TYR B 292 16.44 -26.04 5.44
C TYR B 292 17.76 -26.45 4.84
N GLU B 293 18.84 -26.39 5.64
CA GLU B 293 20.20 -26.77 5.23
C GLU B 293 20.58 -26.11 3.90
N GLY B 294 20.24 -24.83 3.77
CA GLY B 294 20.53 -24.05 2.56
C GLY B 294 19.72 -24.38 1.33
N VAL B 295 18.62 -25.19 1.48
CA VAL B 295 17.75 -25.63 0.37
C VAL B 295 16.52 -24.74 0.28
N ASP B 296 16.30 -24.14 -0.92
CA ASP B 296 15.16 -23.25 -1.18
C ASP B 296 13.88 -24.04 -1.26
N PHE B 297 12.76 -23.45 -0.87
CA PHE B 297 11.46 -24.09 -1.14
C PHE B 297 10.57 -23.15 -1.96
N TYR B 298 10.58 -23.36 -3.29
CA TYR B 298 9.75 -22.65 -4.25
C TYR B 298 8.76 -23.66 -4.76
N THR B 299 7.44 -23.34 -4.65
CA THR B 299 6.40 -24.26 -5.04
C THR B 299 5.14 -23.51 -5.26
N SER B 300 4.07 -24.24 -5.59
CA SER B 300 2.78 -23.66 -5.99
C SER B 300 1.68 -24.59 -5.46
N ILE B 301 0.62 -24.00 -4.96
CA ILE B 301 -0.53 -24.71 -4.37
C ILE B 301 -1.79 -24.15 -5.02
N THR B 302 -2.77 -25.01 -5.29
CA THR B 302 -3.99 -24.60 -5.98
C THR B 302 -5.06 -24.34 -4.89
N ARG B 303 -6.13 -23.62 -5.23
CA ARG B 303 -7.31 -23.48 -4.37
C ARG B 303 -8.00 -24.85 -4.12
N ALA B 304 -8.12 -25.70 -5.15
CA ALA B 304 -8.77 -26.99 -4.98
C ALA B 304 -8.02 -27.86 -3.94
N ARG B 305 -6.68 -27.88 -3.99
CA ARG B 305 -5.83 -28.58 -3.00
C ARG B 305 -6.10 -28.00 -1.60
N PHE B 306 -6.09 -26.66 -1.47
CA PHE B 306 -6.42 -26.00 -0.18
C PHE B 306 -7.83 -26.37 0.35
N GLU B 307 -8.84 -26.42 -0.53
CA GLU B 307 -10.19 -26.80 -0.09
C GLU B 307 -10.20 -28.26 0.37
N GLU B 308 -9.47 -29.13 -0.36
CA GLU B 308 -9.36 -30.53 -0.01
C GLU B 308 -8.76 -30.75 1.38
N LEU B 309 -7.62 -30.10 1.68
CA LEU B 309 -6.90 -30.24 2.96
C LEU B 309 -7.77 -29.76 4.16
N ASN B 310 -8.79 -28.93 3.89
CA ASN B 310 -9.67 -28.35 4.89
C ASN B 310 -11.16 -28.78 4.77
N ALA B 311 -11.44 -29.91 4.09
CA ALA B 311 -12.83 -30.28 3.79
C ALA B 311 -13.69 -30.41 5.06
N ASP B 312 -13.16 -31.06 6.12
CA ASP B 312 -13.88 -31.19 7.41
C ASP B 312 -14.08 -29.84 8.09
N LEU B 313 -13.03 -29.03 8.13
CA LEU B 313 -13.08 -27.78 8.86
C LEU B 313 -14.05 -26.80 8.21
N PHE B 314 -14.11 -26.77 6.87
CA PHE B 314 -15.00 -25.87 6.12
C PHE B 314 -16.46 -26.32 6.24
N ARG B 315 -16.74 -27.61 5.94
CA ARG B 315 -18.10 -28.16 6.07
C ARG B 315 -18.59 -28.08 7.52
N GLY B 316 -17.69 -28.37 8.45
CA GLY B 316 -17.88 -28.29 9.90
C GLY B 316 -18.49 -26.99 10.40
N THR B 317 -18.25 -25.84 9.72
CA THR B 317 -18.78 -24.53 10.13
C THR B 317 -20.29 -24.50 10.09
N LEU B 318 -20.91 -25.42 9.35
CA LEU B 318 -22.38 -25.40 9.26
C LEU B 318 -23.04 -25.96 10.53
N GLU B 319 -22.28 -26.73 11.34
CA GLU B 319 -22.85 -27.33 12.54
C GLU B 319 -23.21 -26.24 13.59
N PRO B 320 -22.32 -25.28 13.95
CA PRO B 320 -22.80 -24.12 14.73
C PRO B 320 -24.01 -23.37 14.15
N VAL B 321 -24.10 -23.24 12.82
CA VAL B 321 -25.24 -22.58 12.17
C VAL B 321 -26.55 -23.36 12.48
N GLU B 322 -26.53 -24.69 12.29
CA GLU B 322 -27.70 -25.53 12.58
C GLU B 322 -28.07 -25.48 14.07
N LYS B 323 -27.07 -25.45 14.95
CA LYS B 323 -27.32 -25.40 16.41
C LYS B 323 -27.90 -24.07 16.84
N ALA B 324 -27.32 -22.93 16.36
CA ALA B 324 -27.89 -21.60 16.60
C ALA B 324 -29.35 -21.55 16.10
N LEU B 325 -29.66 -22.12 14.92
CA LEU B 325 -31.09 -22.18 14.48
C LEU B 325 -31.98 -22.97 15.45
N ARG B 326 -31.51 -24.15 15.90
CA ARG B 326 -32.24 -25.04 16.81
C ARG B 326 -32.48 -24.26 18.11
N ASP B 327 -31.41 -23.61 18.67
CA ASP B 327 -31.59 -22.80 19.88
C ASP B 327 -32.56 -21.63 19.68
N ALA B 328 -32.53 -20.96 18.53
CA ALA B 328 -33.39 -19.80 18.26
C ALA B 328 -34.83 -20.24 17.96
N LYS B 329 -35.02 -21.55 17.73
CA LYS B 329 -36.26 -22.24 17.33
C LYS B 329 -36.68 -21.71 15.95
N LEU B 330 -35.69 -21.56 15.07
CA LEU B 330 -35.96 -21.04 13.73
C LEU B 330 -35.60 -22.08 12.71
N ASP B 331 -36.40 -22.13 11.64
CA ASP B 331 -36.06 -22.87 10.43
C ASP B 331 -35.09 -21.98 9.63
N LYS B 332 -34.15 -22.58 8.85
CA LYS B 332 -33.18 -21.78 8.05
C LYS B 332 -33.86 -20.81 7.05
N GLY B 333 -35.04 -21.19 6.57
CA GLY B 333 -35.91 -20.35 5.75
C GLY B 333 -36.38 -19.05 6.40
N GLN B 334 -36.33 -18.98 7.73
CA GLN B 334 -36.75 -17.80 8.49
C GLN B 334 -35.66 -16.73 8.69
N ILE B 335 -34.46 -16.95 8.16
CA ILE B 335 -33.35 -15.98 8.24
C ILE B 335 -33.49 -15.00 7.08
N GLN B 336 -33.69 -13.71 7.39
CA GLN B 336 -33.86 -12.69 6.36
C GLN B 336 -32.51 -12.12 5.89
N GLU B 337 -31.48 -12.15 6.75
CA GLU B 337 -30.20 -11.62 6.35
C GLU B 337 -29.09 -12.48 6.91
N ILE B 338 -28.08 -12.76 6.07
CA ILE B 338 -26.87 -13.43 6.54
C ILE B 338 -25.68 -12.48 6.38
N VAL B 339 -24.84 -12.32 7.43
CA VAL B 339 -23.74 -11.35 7.39
C VAL B 339 -22.42 -12.08 7.57
N LEU B 340 -21.47 -11.86 6.68
CA LEU B 340 -20.12 -12.44 6.79
C LEU B 340 -19.20 -11.53 7.57
N VAL B 341 -18.56 -12.07 8.66
CA VAL B 341 -17.60 -11.29 9.45
C VAL B 341 -16.35 -12.17 9.59
N GLY B 342 -15.17 -11.56 9.68
CA GLY B 342 -13.89 -12.24 9.83
C GLY B 342 -13.22 -12.50 8.51
N GLY B 343 -11.89 -12.35 8.47
CA GLY B 343 -11.17 -12.44 7.21
C GLY B 343 -11.36 -13.81 6.56
N SER B 344 -11.61 -14.87 7.41
CA SER B 344 -11.72 -16.23 6.84
C SER B 344 -13.00 -16.46 6.02
N THR B 345 -13.99 -15.53 6.10
CA THR B 345 -15.23 -15.64 5.31
C THR B 345 -15.05 -15.22 3.86
N ARG B 346 -13.86 -14.69 3.53
CA ARG B 346 -13.43 -14.43 2.16
C ARG B 346 -13.18 -15.73 1.41
N ILE B 347 -13.04 -16.88 2.11
CA ILE B 347 -12.72 -18.16 1.45
C ILE B 347 -13.91 -18.55 0.54
N PRO B 348 -13.75 -18.64 -0.81
CA PRO B 348 -14.90 -19.01 -1.68
C PRO B 348 -15.70 -20.24 -1.23
N LYS B 349 -14.99 -21.33 -0.88
CA LYS B 349 -15.63 -22.60 -0.49
C LYS B 349 -16.53 -22.40 0.75
N ILE B 350 -16.09 -21.62 1.76
CA ILE B 350 -16.96 -21.29 2.92
C ILE B 350 -18.25 -20.51 2.48
N GLN B 351 -18.08 -19.45 1.67
CA GLN B 351 -19.22 -18.71 1.07
C GLN B 351 -20.15 -19.66 0.34
N LYS B 352 -19.62 -20.62 -0.50
CA LYS B 352 -20.49 -21.52 -1.26
C LYS B 352 -21.26 -22.46 -0.34
N LEU B 353 -20.56 -23.05 0.66
CA LEU B 353 -21.24 -23.91 1.64
C LEU B 353 -22.37 -23.22 2.38
N LEU B 354 -22.16 -21.98 2.79
CA LEU B 354 -23.14 -21.22 3.56
C LEU B 354 -24.32 -20.84 2.68
N GLN B 355 -24.02 -20.31 1.49
CA GLN B 355 -25.01 -20.00 0.49
C GLN B 355 -25.85 -21.20 0.08
N ASP B 356 -25.24 -22.37 -0.22
CA ASP B 356 -26.00 -23.60 -0.51
C ASP B 356 -26.87 -24.05 0.67
N PHE B 357 -26.35 -24.00 1.90
CA PHE B 357 -27.09 -24.34 3.12
C PHE B 357 -28.35 -23.46 3.23
N PHE B 358 -28.21 -22.18 2.88
CA PHE B 358 -29.32 -21.26 2.87
C PHE B 358 -30.10 -21.21 1.53
N ASN B 359 -30.06 -22.33 0.75
CA ASN B 359 -30.84 -22.52 -0.50
C ASN B 359 -30.58 -21.45 -1.56
N GLY B 360 -29.33 -20.98 -1.66
CA GLY B 360 -28.96 -20.00 -2.67
C GLY B 360 -29.08 -18.53 -2.31
N LYS B 361 -29.54 -18.21 -1.10
CA LYS B 361 -29.67 -16.83 -0.58
C LYS B 361 -28.35 -16.05 -0.69
N GLU B 362 -28.39 -14.80 -1.21
CA GLU B 362 -27.21 -13.91 -1.29
C GLU B 362 -26.73 -13.47 0.10
N LEU B 363 -25.41 -13.35 0.26
CA LEU B 363 -24.72 -13.05 1.53
C LEU B 363 -24.34 -11.59 1.56
N ASN B 364 -24.48 -10.94 2.75
CA ASN B 364 -24.00 -9.58 2.96
C ASN B 364 -22.48 -9.70 3.17
N LYS B 365 -21.69 -9.22 2.19
CA LYS B 365 -20.24 -9.42 2.14
C LYS B 365 -19.55 -8.27 1.47
N SER B 366 -20.30 -7.23 1.07
CA SER B 366 -19.71 -6.08 0.39
C SER B 366 -18.72 -5.28 1.27
N ILE B 367 -18.84 -5.36 2.62
CA ILE B 367 -17.87 -4.67 3.51
C ILE B 367 -16.74 -5.65 3.84
N ASN B 368 -15.46 -5.21 3.79
CA ASN B 368 -14.33 -6.05 4.21
C ASN B 368 -14.72 -6.74 5.50
N PRO B 369 -14.75 -8.08 5.50
CA PRO B 369 -15.32 -8.80 6.66
C PRO B 369 -14.51 -8.63 7.95
N ASP B 370 -13.18 -8.37 7.84
CA ASP B 370 -12.35 -8.09 9.04
C ASP B 370 -12.52 -6.66 9.55
N GLU B 371 -13.33 -5.85 8.86
CA GLU B 371 -13.55 -4.44 9.23
C GLU B 371 -15.00 -4.11 9.58
N ALA B 372 -15.93 -5.04 9.37
CA ALA B 372 -17.40 -4.79 9.49
C ALA B 372 -17.79 -4.42 10.93
N VAL B 373 -17.14 -5.07 11.90
CA VAL B 373 -17.48 -4.80 13.28
C VAL B 373 -17.05 -3.36 13.67
N ALA B 374 -15.80 -2.97 13.37
CA ALA B 374 -15.35 -1.58 13.64
C ALA B 374 -16.16 -0.58 12.83
N TYR B 375 -16.53 -0.96 11.60
CA TYR B 375 -17.40 -0.15 10.73
C TYR B 375 -18.74 0.18 11.43
N GLY B 376 -19.46 -0.84 11.89
CA GLY B 376 -20.68 -0.66 12.66
C GLY B 376 -20.54 0.06 14.00
N ALA B 377 -19.43 -0.16 14.72
CA ALA B 377 -19.15 0.51 15.97
C ALA B 377 -18.96 2.04 15.71
N ALA B 378 -18.28 2.42 14.61
CA ALA B 378 -18.13 3.81 14.21
C ALA B 378 -19.49 4.46 13.89
N VAL B 379 -20.39 3.75 13.14
CA VAL B 379 -21.75 4.22 12.88
C VAL B 379 -22.50 4.50 14.21
N GLN B 380 -22.46 3.52 15.13
CA GLN B 380 -23.08 3.65 16.45
C GLN B 380 -22.50 4.83 17.26
N ALA B 381 -21.16 5.04 17.24
CA ALA B 381 -20.53 6.21 17.90
C ALA B 381 -21.11 7.55 17.41
N ALA B 382 -21.27 7.70 16.06
CA ALA B 382 -21.87 8.88 15.45
C ALA B 382 -23.29 9.15 15.95
N ILE B 383 -24.10 8.09 16.05
CA ILE B 383 -25.48 8.15 16.55
C ILE B 383 -25.46 8.72 17.96
N LEU B 384 -24.66 8.12 18.84
CA LEU B 384 -24.57 8.51 20.25
C LEU B 384 -23.99 9.90 20.49
N ILE B 385 -23.04 10.36 19.63
CA ILE B 385 -22.57 11.74 19.83
C ILE B 385 -23.58 12.73 19.21
N GLY B 386 -24.31 12.27 18.18
CA GLY B 386 -25.40 13.02 17.52
C GLY B 386 -24.97 14.36 16.90
N ASP B 387 -23.76 14.55 16.63
#